data_2X5Z
#
_entry.id   2X5Z
#
_cell.length_a   84.227
_cell.length_b   96.035
_cell.length_c   217.122
_cell.angle_alpha   90.00
_cell.angle_beta   90.00
_cell.angle_gamma   90.00
#
_symmetry.space_group_name_H-M   'C 2 2 21'
#
loop_
_entity.id
_entity.type
_entity.pdbx_description
1 polymer 'MANNOSE-1-PHOSPHATE GUANYLYLTRANSFERASE'
2 non-polymer "GUANOSINE-5'-DIPHOSPHATE-ALPHA-D-MANNOSE"
3 non-polymer 'MAGNESIUM ION'
4 water water
#
_entity_poly.entity_id   1
_entity_poly.type   'polypeptide(L)'
_entity_poly.pdbx_seq_one_letter_code
;VMKALILAGGSGERFWPLSTPETPKQFLKLFGNKSLMRWTFERVLEEMDPKDVIVVTHKDYVERTKKELPELPDENIIAE
PMKKNTAPACFIGTKLADDDEPVLVLPADHRIPDTKKFWKTVKKALDALEKYDGLFTFGIVPTRPETGYGYIEIGEELEE
GVHKVAQFREKPDLETAKKFVESGRFLWNSGMFLWKAREFIEEVKVCEPSIYENLKDVDPRNFEELKKAYEKVPSISVDY
AVMEKSKKVRVVKADFEWSDLGNWSSVREIEGYTEESDEVILVDSDRVFVKTHNKPIAVVGLSDVIVIDTPNGILICKEE
YAQKVREVVKKLFRTS
;
_entity_poly.pdbx_strand_id   A,B
#
loop_
_chem_comp.id
_chem_comp.type
_chem_comp.name
_chem_comp.formula
GDD non-polymer GUANOSINE-5'-DIPHOSPHATE-ALPHA-D-MANNOSE 'C16 H25 N5 O16 P2'
MG non-polymer 'MAGNESIUM ION' 'Mg 2'
#
# COMPACT_ATOMS: atom_id res chain seq x y z
N VAL A 1 -7.65 -15.36 -50.51
CA VAL A 1 -7.75 -14.14 -49.67
C VAL A 1 -6.95 -14.42 -48.38
N MET A 2 -7.58 -14.33 -47.22
CA MET A 2 -6.85 -14.45 -45.96
C MET A 2 -7.89 -14.44 -44.89
N LYS A 3 -7.68 -15.20 -43.82
CA LYS A 3 -8.56 -15.11 -42.67
C LYS A 3 -7.82 -14.63 -41.46
N ALA A 4 -8.56 -14.07 -40.50
CA ALA A 4 -8.00 -13.68 -39.21
C ALA A 4 -8.69 -14.46 -38.11
N LEU A 5 -7.90 -14.99 -37.21
CA LEU A 5 -8.43 -15.77 -36.13
C LEU A 5 -8.05 -15.06 -34.84
N ILE A 6 -9.05 -14.49 -34.17
CA ILE A 6 -8.86 -13.87 -32.87
C ILE A 6 -9.15 -14.87 -31.75
N LEU A 7 -8.17 -15.11 -30.89
CA LEU A 7 -8.33 -16.03 -29.78
C LEU A 7 -8.71 -15.28 -28.51
N ALA A 8 -9.89 -15.57 -28.00
CA ALA A 8 -10.39 -14.87 -26.81
C ALA A 8 -10.73 -15.86 -25.68
N GLY A 9 -9.78 -16.11 -24.80
CA GLY A 9 -10.01 -17.10 -23.75
C GLY A 9 -9.47 -16.70 -22.42
N GLY A 10 -9.16 -15.42 -22.28
CA GLY A 10 -8.22 -14.93 -21.27
C GLY A 10 -8.79 -14.79 -19.88
N SER A 11 -7.90 -14.84 -18.92
CA SER A 11 -8.28 -14.72 -17.55
C SER A 11 -7.78 -13.39 -17.07
N GLY A 12 -8.69 -12.57 -16.55
CA GLY A 12 -8.31 -11.23 -16.13
C GLY A 12 -7.94 -11.11 -14.68
N GLU A 13 -7.74 -12.24 -13.99
CA GLU A 13 -7.56 -12.19 -12.56
C GLU A 13 -6.45 -11.27 -12.11
N ARG A 14 -5.40 -11.15 -12.91
CA ARG A 14 -4.28 -10.27 -12.57
C ARG A 14 -4.62 -8.78 -12.61
N PHE A 15 -5.79 -8.42 -13.17
CA PHE A 15 -6.27 -7.04 -13.20
C PHE A 15 -7.35 -6.74 -12.16
N TRP A 16 -7.45 -7.59 -11.14
CA TRP A 16 -8.20 -7.24 -9.93
C TRP A 16 -7.51 -6.03 -9.30
N PRO A 17 -8.28 -5.08 -8.75
CA PRO A 17 -9.70 -5.04 -8.53
C PRO A 17 -10.48 -4.38 -9.65
N LEU A 18 -9.89 -4.22 -10.82
CA LEU A 18 -10.66 -3.70 -11.94
C LEU A 18 -11.56 -4.79 -12.43
N SER A 19 -11.00 -5.98 -12.61
CA SER A 19 -11.73 -7.07 -13.21
C SER A 19 -12.43 -7.87 -12.13
N THR A 20 -13.63 -8.34 -12.47
CA THR A 20 -14.36 -9.31 -11.66
C THR A 20 -14.10 -10.66 -12.29
N PRO A 21 -14.21 -11.75 -11.51
CA PRO A 21 -14.01 -13.10 -12.06
C PRO A 21 -15.05 -13.44 -13.13
N GLU A 22 -16.20 -12.76 -13.06
CA GLU A 22 -17.24 -12.78 -14.10
C GLU A 22 -16.66 -12.39 -15.46
N THR A 23 -15.90 -11.29 -15.47
CA THR A 23 -15.33 -10.76 -16.71
C THR A 23 -13.94 -11.34 -17.03
N PRO A 24 -13.74 -11.79 -18.28
CA PRO A 24 -12.42 -12.17 -18.71
C PRO A 24 -11.67 -10.97 -19.25
N LYS A 25 -10.35 -11.10 -19.27
CA LYS A 25 -9.41 -10.09 -19.75
C LYS A 25 -9.79 -9.40 -21.07
N GLN A 26 -10.44 -10.14 -21.96
CA GLN A 26 -10.81 -9.69 -23.31
C GLN A 26 -11.79 -8.53 -23.27
N PHE A 27 -12.67 -8.52 -22.26
CA PHE A 27 -13.70 -7.48 -22.14
C PHE A 27 -13.30 -6.32 -21.25
N LEU A 28 -12.11 -6.39 -20.65
CA LEU A 28 -11.57 -5.30 -19.85
C LEU A 28 -11.27 -4.11 -20.70
N LYS A 29 -11.64 -2.93 -20.19
CA LYS A 29 -11.40 -1.67 -20.84
C LYS A 29 -10.26 -0.92 -20.18
N LEU A 30 -9.03 -1.38 -20.40
CA LEU A 30 -7.84 -0.72 -19.87
C LEU A 30 -7.50 0.60 -20.54
N PHE A 31 -7.95 0.80 -21.78
CA PHE A 31 -7.58 2.00 -22.55
C PHE A 31 -8.74 2.50 -23.37
N GLY A 32 -8.94 3.80 -23.33
CA GLY A 32 -9.90 4.49 -24.19
C GLY A 32 -11.37 4.13 -24.08
N ASN A 33 -11.76 3.50 -22.98
CA ASN A 33 -13.12 3.00 -22.89
C ASN A 33 -13.48 2.11 -24.10
N LYS A 34 -12.55 1.21 -24.44
CA LYS A 34 -12.79 0.15 -25.41
C LYS A 34 -12.16 -1.10 -24.84
N SER A 35 -12.78 -2.25 -25.08
CA SER A 35 -12.29 -3.51 -24.55
C SER A 35 -11.05 -3.97 -25.35
N LEU A 36 -10.16 -4.71 -24.70
CA LEU A 36 -8.99 -5.25 -25.39
C LEU A 36 -9.47 -5.92 -26.67
N MET A 37 -10.54 -6.72 -26.61
CA MET A 37 -11.02 -7.40 -27.80
C MET A 37 -11.45 -6.38 -28.87
N ARG A 38 -12.16 -5.34 -28.43
CA ARG A 38 -12.67 -4.31 -29.34
C ARG A 38 -11.59 -3.59 -30.12
N TRP A 39 -10.52 -3.19 -29.43
CA TRP A 39 -9.35 -2.64 -30.11
C TRP A 39 -8.79 -3.63 -31.13
N THR A 40 -8.75 -4.90 -30.72
CA THR A 40 -8.16 -5.89 -31.60
C THR A 40 -9.00 -6.05 -32.87
N PHE A 41 -10.33 -6.07 -32.70
CA PHE A 41 -11.23 -6.15 -33.83
C PHE A 41 -11.08 -4.92 -34.74
N GLU A 42 -10.97 -3.72 -34.17
CA GLU A 42 -10.92 -2.51 -35.01
C GLU A 42 -9.61 -2.42 -35.80
N ARG A 43 -8.53 -2.86 -35.18
CA ARG A 43 -7.25 -3.04 -35.86
C ARG A 43 -7.37 -3.92 -37.10
N VAL A 44 -8.10 -5.01 -36.96
CA VAL A 44 -8.29 -5.94 -38.05
C VAL A 44 -9.23 -5.38 -39.12
N LEU A 45 -10.34 -4.74 -38.75
CA LEU A 45 -11.21 -4.14 -39.78
C LEU A 45 -10.59 -3.00 -40.57
N GLU A 46 -9.44 -2.50 -40.12
CA GLU A 46 -8.68 -1.54 -40.91
C GLU A 46 -8.47 -2.07 -42.32
N GLU A 47 -8.14 -3.35 -42.48
CA GLU A 47 -7.88 -3.91 -43.80
C GLU A 47 -8.67 -5.19 -44.13
N MET A 48 -9.74 -5.48 -43.40
CA MET A 48 -10.47 -6.72 -43.67
C MET A 48 -11.98 -6.63 -43.52
N ASP A 49 -12.68 -7.50 -44.22
CA ASP A 49 -14.12 -7.58 -44.12
C ASP A 49 -14.46 -8.39 -42.88
N PRO A 50 -15.50 -7.98 -42.16
CA PRO A 50 -15.97 -8.80 -41.06
C PRO A 50 -16.11 -10.29 -41.42
N LYS A 51 -16.59 -10.60 -42.63
CA LYS A 51 -16.86 -11.97 -43.02
C LYS A 51 -15.63 -12.88 -42.97
N ASP A 52 -14.44 -12.32 -43.18
CA ASP A 52 -13.20 -13.10 -43.11
C ASP A 52 -12.56 -13.12 -41.70
N VAL A 53 -13.30 -12.65 -40.69
CA VAL A 53 -12.77 -12.61 -39.34
C VAL A 53 -13.53 -13.58 -38.45
N ILE A 54 -12.76 -14.36 -37.67
CA ILE A 54 -13.27 -15.44 -36.82
C ILE A 54 -12.77 -15.27 -35.38
N VAL A 55 -13.69 -15.28 -34.43
CA VAL A 55 -13.35 -15.34 -33.01
C VAL A 55 -13.64 -16.73 -32.40
N VAL A 56 -12.74 -17.23 -31.57
CA VAL A 56 -12.86 -18.56 -30.98
C VAL A 56 -12.81 -18.37 -29.49
N THR A 57 -13.89 -18.76 -28.80
CA THR A 57 -14.04 -18.39 -27.41
C THR A 57 -14.95 -19.38 -26.71
N HIS A 58 -14.94 -19.39 -25.40
CA HIS A 58 -15.82 -20.29 -24.70
C HIS A 58 -17.29 -19.92 -24.94
N LYS A 59 -18.16 -20.94 -24.93
CA LYS A 59 -19.59 -20.77 -25.13
C LYS A 59 -20.17 -19.73 -24.18
N ASP A 60 -19.68 -19.70 -22.95
CA ASP A 60 -20.10 -18.72 -21.94
C ASP A 60 -19.86 -17.26 -22.31
N TYR A 61 -18.93 -16.98 -23.23
CA TYR A 61 -18.61 -15.60 -23.61
C TYR A 61 -19.20 -15.14 -24.95
N VAL A 62 -19.96 -15.99 -25.61
CA VAL A 62 -20.45 -15.75 -26.98
C VAL A 62 -21.47 -14.60 -27.06
N GLU A 63 -22.51 -14.64 -26.24
CA GLU A 63 -23.53 -13.59 -26.27
C GLU A 63 -22.83 -12.26 -26.04
N ARG A 64 -21.96 -12.25 -25.04
CA ARG A 64 -21.26 -11.03 -24.65
C ARG A 64 -20.35 -10.56 -25.78
N THR A 65 -19.76 -11.50 -26.52
CA THR A 65 -18.89 -11.17 -27.65
C THR A 65 -19.64 -10.53 -28.82
N LYS A 66 -20.85 -11.03 -29.11
CA LYS A 66 -21.70 -10.44 -30.14
C LYS A 66 -22.03 -8.97 -29.88
N LYS A 67 -22.23 -8.62 -28.61
CA LYS A 67 -22.55 -7.24 -28.24
C LYS A 67 -21.35 -6.31 -28.45
N GLU A 68 -20.16 -6.83 -28.15
CA GLU A 68 -18.94 -6.08 -28.37
C GLU A 68 -18.62 -5.88 -29.84
N LEU A 69 -18.92 -6.88 -30.65
CA LEU A 69 -18.55 -6.91 -32.06
C LEU A 69 -19.79 -7.18 -32.91
N PRO A 70 -20.72 -6.22 -32.93
CA PRO A 70 -21.96 -6.41 -33.69
C PRO A 70 -21.73 -6.51 -35.22
N GLU A 71 -20.56 -6.08 -35.69
CA GLU A 71 -20.25 -6.14 -37.11
C GLU A 71 -19.85 -7.56 -37.47
N LEU A 72 -19.57 -8.38 -36.47
CA LEU A 72 -19.19 -9.76 -36.71
C LEU A 72 -20.44 -10.60 -36.89
N PRO A 73 -20.59 -11.29 -38.01
CA PRO A 73 -21.74 -12.19 -38.10
C PRO A 73 -21.66 -13.31 -37.06
N ASP A 74 -22.82 -13.82 -36.63
CA ASP A 74 -22.90 -14.85 -35.59
C ASP A 74 -22.16 -16.17 -35.92
N GLU A 75 -22.21 -16.57 -37.19
CA GLU A 75 -21.50 -17.78 -37.65
C GLU A 75 -20.01 -17.67 -37.49
N ASN A 76 -19.46 -16.50 -37.23
CA ASN A 76 -18.00 -16.35 -37.13
C ASN A 76 -17.55 -16.32 -35.68
N ILE A 77 -18.43 -16.67 -34.75
CA ILE A 77 -18.01 -16.87 -33.36
C ILE A 77 -18.16 -18.34 -33.05
N ILE A 78 -17.04 -19.01 -32.79
CA ILE A 78 -16.99 -20.47 -32.64
C ILE A 78 -17.02 -20.75 -31.15
N ALA A 79 -18.14 -21.27 -30.67
CA ALA A 79 -18.33 -21.46 -29.26
C ALA A 79 -17.51 -22.69 -28.88
N GLU A 80 -16.61 -22.58 -27.93
CA GLU A 80 -15.89 -23.74 -27.42
C GLU A 80 -16.50 -24.28 -26.12
N PRO A 81 -16.66 -25.61 -26.01
CA PRO A 81 -17.26 -26.26 -24.82
C PRO A 81 -16.39 -26.20 -23.57
N MET A 82 -15.08 -26.08 -23.75
CA MET A 82 -14.15 -26.02 -22.59
C MET A 82 -13.00 -25.13 -22.98
N LYS A 83 -12.24 -24.65 -22.00
CA LYS A 83 -10.98 -24.01 -22.31
C LYS A 83 -9.92 -25.07 -22.42
N LYS A 84 -9.29 -25.17 -23.57
CA LYS A 84 -8.17 -26.08 -23.75
C LYS A 84 -6.91 -25.34 -24.20
N ASN A 85 -6.79 -24.05 -23.88
CA ASN A 85 -5.67 -23.23 -24.33
C ASN A 85 -5.71 -23.08 -25.86
N THR A 86 -4.57 -22.68 -26.48
CA THR A 86 -4.59 -22.12 -27.83
C THR A 86 -4.41 -23.11 -28.98
N ALA A 87 -3.75 -24.22 -28.72
CA ALA A 87 -3.54 -25.21 -29.77
C ALA A 87 -4.87 -25.72 -30.35
N PRO A 88 -5.84 -26.09 -29.52
CA PRO A 88 -7.09 -26.56 -30.09
C PRO A 88 -7.90 -25.45 -30.74
N ALA A 89 -7.93 -24.31 -30.08
CA ALA A 89 -8.58 -23.13 -30.65
C ALA A 89 -8.01 -22.83 -32.07
N CYS A 90 -6.68 -22.80 -32.21
CA CYS A 90 -6.07 -22.53 -33.49
C CYS A 90 -6.47 -23.59 -34.50
N PHE A 91 -6.53 -24.83 -34.06
CA PHE A 91 -6.86 -25.90 -34.98
C PHE A 91 -8.24 -25.70 -35.54
N ILE A 92 -9.23 -25.54 -34.66
CA ILE A 92 -10.62 -25.48 -35.16
C ILE A 92 -10.88 -24.22 -35.98
N GLY A 93 -10.23 -23.12 -35.66
CA GLY A 93 -10.37 -21.90 -36.49
C GLY A 93 -9.74 -22.03 -37.86
N THR A 94 -8.54 -22.59 -37.89
CA THR A 94 -7.77 -22.74 -39.12
C THR A 94 -8.46 -23.70 -40.09
N LYS A 95 -9.08 -24.74 -39.54
CA LYS A 95 -9.91 -25.70 -40.29
C LYS A 95 -10.89 -25.02 -41.19
N LEU A 96 -11.47 -23.93 -40.70
CA LEU A 96 -12.50 -23.19 -41.44
C LEU A 96 -11.97 -22.40 -42.64
N ALA A 97 -10.67 -22.13 -42.72
CA ALA A 97 -10.09 -21.57 -43.94
C ALA A 97 -10.00 -22.67 -45.02
N ASP A 98 -9.60 -22.28 -46.24
CA ASP A 98 -9.31 -23.28 -47.30
C ASP A 98 -7.81 -23.63 -47.36
N ASP A 99 -7.51 -24.86 -47.77
CA ASP A 99 -6.14 -25.40 -47.79
C ASP A 99 -5.05 -24.35 -47.95
N ASP A 100 -5.18 -23.52 -48.97
CA ASP A 100 -4.13 -22.57 -49.36
C ASP A 100 -4.29 -21.19 -48.74
N GLU A 101 -5.39 -20.96 -48.04
CA GLU A 101 -5.69 -19.64 -47.51
C GLU A 101 -4.82 -19.38 -46.25
N PRO A 102 -4.02 -18.30 -46.26
CA PRO A 102 -3.26 -17.98 -45.06
C PRO A 102 -4.18 -17.52 -43.96
N VAL A 103 -3.86 -17.88 -42.72
CA VAL A 103 -4.65 -17.53 -41.56
C VAL A 103 -3.81 -16.73 -40.57
N LEU A 104 -4.32 -15.55 -40.20
CA LEU A 104 -3.64 -14.67 -39.28
C LEU A 104 -4.22 -14.87 -37.89
N VAL A 105 -3.41 -15.42 -36.97
CA VAL A 105 -3.87 -15.75 -35.63
C VAL A 105 -3.46 -14.66 -34.65
N LEU A 106 -4.45 -14.05 -34.02
CA LEU A 106 -4.23 -12.89 -33.17
C LEU A 106 -4.78 -12.99 -31.74
N PRO A 107 -3.93 -12.78 -30.74
CA PRO A 107 -4.47 -12.69 -29.41
C PRO A 107 -5.27 -11.45 -29.26
N ALA A 108 -6.11 -11.45 -28.22
CA ALA A 108 -6.99 -10.34 -27.94
C ALA A 108 -6.39 -9.45 -26.91
N ASP A 109 -5.20 -9.80 -26.38
CA ASP A 109 -4.68 -9.06 -25.20
C ASP A 109 -3.50 -8.18 -25.57
N HIS A 110 -3.36 -7.86 -26.83
CA HIS A 110 -2.25 -6.99 -27.24
C HIS A 110 -2.65 -5.53 -27.34
N ARG A 111 -1.66 -4.66 -27.16
CA ARG A 111 -1.84 -3.25 -27.45
C ARG A 111 -0.82 -2.84 -28.50
N ILE A 112 -1.35 -2.41 -29.65
CA ILE A 112 -0.56 -2.08 -30.77
C ILE A 112 -1.12 -0.76 -31.29
N PRO A 113 -0.51 0.35 -30.85
CA PRO A 113 -1.03 1.65 -31.21
C PRO A 113 -0.94 2.00 -32.69
N ASP A 114 0.09 1.53 -33.39
CA ASP A 114 0.26 1.94 -34.81
C ASP A 114 -0.33 0.88 -35.72
N THR A 115 -1.58 1.02 -36.04
CA THR A 115 -2.25 0.10 -36.95
C THR A 115 -1.55 -0.05 -38.31
N LYS A 116 -1.05 1.04 -38.84
CA LYS A 116 -0.46 1.04 -40.16
C LYS A 116 0.86 0.29 -40.21
N LYS A 117 1.69 0.44 -39.18
CA LYS A 117 2.96 -0.27 -39.14
C LYS A 117 2.70 -1.75 -38.88
N PHE A 118 1.58 -2.03 -38.23
CA PHE A 118 1.15 -3.39 -37.99
C PHE A 118 0.86 -4.08 -39.31
N TRP A 119 0.04 -3.47 -40.13
CA TRP A 119 -0.26 -4.01 -41.44
C TRP A 119 0.95 -3.96 -42.38
N LYS A 120 1.87 -3.02 -42.19
CA LYS A 120 3.09 -3.05 -42.97
C LYS A 120 3.82 -4.36 -42.68
N THR A 121 3.78 -4.81 -41.42
CA THR A 121 4.44 -6.05 -41.05
C THR A 121 3.70 -7.29 -41.58
N VAL A 122 2.38 -7.28 -41.46
CA VAL A 122 1.57 -8.39 -41.92
C VAL A 122 1.80 -8.55 -43.43
N LYS A 123 1.72 -7.46 -44.19
CA LYS A 123 2.02 -7.47 -45.60
C LYS A 123 3.35 -8.17 -45.89
N LYS A 124 4.39 -7.77 -45.18
CA LYS A 124 5.72 -8.32 -45.39
C LYS A 124 5.73 -9.81 -45.08
N ALA A 125 5.02 -10.20 -44.02
CA ALA A 125 4.87 -11.62 -43.70
C ALA A 125 4.07 -12.39 -44.77
N LEU A 126 3.00 -11.81 -45.32
CA LEU A 126 2.17 -12.51 -46.28
C LEU A 126 3.01 -12.83 -47.49
N ASP A 127 3.83 -11.88 -47.89
CA ASP A 127 4.71 -12.05 -49.01
C ASP A 127 5.67 -13.18 -48.73
N ALA A 128 6.21 -13.20 -47.51
CA ALA A 128 7.27 -14.15 -47.17
C ALA A 128 6.68 -15.57 -47.07
N LEU A 129 5.43 -15.64 -46.61
CA LEU A 129 4.68 -16.88 -46.57
C LEU A 129 4.54 -17.51 -47.96
N GLU A 130 4.30 -16.68 -48.98
CA GLU A 130 4.21 -17.20 -50.33
C GLU A 130 5.52 -17.81 -50.81
N LYS A 131 6.64 -17.17 -50.47
CA LYS A 131 7.94 -17.60 -50.98
C LYS A 131 8.48 -18.82 -50.26
N TYR A 132 8.28 -18.88 -48.93
CA TYR A 132 8.99 -19.86 -48.10
C TYR A 132 8.10 -20.85 -47.35
N ASP A 133 6.79 -20.60 -47.31
CA ASP A 133 5.88 -21.48 -46.55
C ASP A 133 6.34 -21.71 -45.12
N GLY A 134 5.75 -22.70 -44.46
CA GLY A 134 6.03 -22.93 -43.05
C GLY A 134 5.14 -22.08 -42.18
N LEU A 135 5.48 -22.00 -40.89
CA LEU A 135 4.72 -21.25 -39.89
C LEU A 135 5.46 -19.96 -39.48
N PHE A 136 4.76 -18.83 -39.49
CA PHE A 136 5.36 -17.54 -39.18
C PHE A 136 5.05 -16.99 -37.81
N THR A 137 6.07 -16.29 -37.29
CA THR A 137 6.00 -15.59 -36.02
C THR A 137 6.40 -14.14 -36.29
N PHE A 138 6.11 -13.28 -35.33
CA PHE A 138 6.51 -11.89 -35.39
C PHE A 138 7.33 -11.62 -34.13
N GLY A 139 8.58 -11.21 -34.32
CA GLY A 139 9.52 -11.04 -33.21
C GLY A 139 9.61 -9.61 -32.71
N ILE A 140 9.54 -9.46 -31.39
CA ILE A 140 9.77 -8.18 -30.74
C ILE A 140 11.17 -8.17 -30.12
N VAL A 141 11.81 -7.02 -30.11
CA VAL A 141 13.13 -6.89 -29.51
C VAL A 141 12.92 -6.86 -28.01
N PRO A 142 13.58 -7.76 -27.27
CA PRO A 142 13.36 -7.86 -25.82
C PRO A 142 14.04 -6.75 -25.02
N THR A 143 13.27 -6.11 -24.12
CA THR A 143 13.77 -5.06 -23.22
C THR A 143 14.22 -5.62 -21.88
N ARG A 144 13.66 -6.76 -21.47
CA ARG A 144 13.93 -7.37 -20.16
C ARG A 144 13.77 -8.89 -20.26
N PRO A 145 14.32 -9.65 -19.30
CA PRO A 145 14.24 -11.13 -19.36
C PRO A 145 12.90 -11.71 -18.87
N GLU A 146 11.83 -11.38 -19.58
CA GLU A 146 10.48 -11.78 -19.24
C GLU A 146 10.33 -13.30 -19.26
N THR A 147 9.71 -13.87 -18.24
CA THR A 147 9.56 -15.33 -18.20
C THR A 147 8.25 -15.78 -18.82
N GLY A 148 7.32 -14.86 -19.01
CA GLY A 148 6.00 -15.21 -19.55
C GLY A 148 5.90 -15.25 -21.06
N TYR A 149 6.98 -14.92 -21.79
CA TYR A 149 7.00 -14.95 -23.23
C TYR A 149 7.77 -16.12 -23.81
N GLY A 150 7.53 -16.34 -25.12
CA GLY A 150 8.32 -17.28 -25.92
C GLY A 150 9.52 -16.56 -26.49
N TYR A 151 10.62 -17.27 -26.63
CA TYR A 151 11.83 -16.71 -27.20
C TYR A 151 12.15 -17.41 -28.52
N ILE A 152 12.35 -16.62 -29.57
CA ILE A 152 12.75 -17.11 -30.88
C ILE A 152 14.26 -16.92 -31.12
N GLU A 153 15.04 -17.99 -31.35
CA GLU A 153 16.46 -17.82 -31.74
C GLU A 153 16.56 -17.52 -33.21
N ILE A 154 17.26 -16.45 -33.56
CA ILE A 154 17.40 -16.01 -34.95
C ILE A 154 18.44 -16.87 -35.68
N GLY A 155 18.00 -17.51 -36.75
CA GLY A 155 18.83 -18.42 -37.55
C GLY A 155 19.16 -17.80 -38.89
N GLU A 156 19.08 -18.60 -39.96
CA GLU A 156 19.48 -18.15 -41.28
C GLU A 156 18.49 -17.18 -41.92
N GLU A 157 19.02 -16.27 -42.74
CA GLU A 157 18.24 -15.36 -43.56
C GLU A 157 17.65 -16.06 -44.77
N LEU A 158 16.33 -15.88 -44.94
CA LEU A 158 15.68 -16.17 -46.21
C LEU A 158 15.84 -14.95 -47.12
N GLU A 159 15.49 -13.79 -46.57
CA GLU A 159 15.78 -12.52 -47.20
C GLU A 159 15.82 -11.50 -46.07
N GLU A 160 16.17 -10.25 -46.35
CA GLU A 160 16.39 -9.29 -45.29
C GLU A 160 15.15 -9.17 -44.41
N GLY A 161 15.36 -9.24 -43.10
CA GLY A 161 14.25 -9.12 -42.15
C GLY A 161 13.39 -10.35 -41.94
N VAL A 162 13.66 -11.42 -42.71
CA VAL A 162 12.94 -12.67 -42.63
C VAL A 162 13.93 -13.82 -42.44
N HIS A 163 13.73 -14.60 -41.39
CA HIS A 163 14.70 -15.60 -40.94
C HIS A 163 14.06 -16.94 -40.56
N LYS A 164 14.79 -18.02 -40.81
CA LYS A 164 14.45 -19.31 -40.22
C LYS A 164 14.70 -19.19 -38.74
N VAL A 165 13.97 -19.98 -37.96
CA VAL A 165 14.10 -19.99 -36.50
C VAL A 165 14.95 -21.18 -36.11
N ALA A 166 16.07 -20.91 -35.46
CA ALA A 166 16.98 -21.95 -34.98
C ALA A 166 16.41 -22.66 -33.74
N GLN A 167 15.55 -22.00 -32.99
CA GLN A 167 15.03 -22.54 -31.74
C GLN A 167 13.94 -21.64 -31.20
N PHE A 168 12.82 -22.26 -30.84
CA PHE A 168 11.69 -21.58 -30.20
C PHE A 168 11.50 -22.20 -28.82
N ARG A 169 11.71 -21.39 -27.79
CA ARG A 169 11.60 -21.83 -26.40
C ARG A 169 10.54 -21.01 -25.68
N GLU A 170 9.42 -21.66 -25.35
CA GLU A 170 8.29 -21.01 -24.66
C GLU A 170 8.48 -20.97 -23.17
N LYS A 171 8.38 -19.80 -22.57
CA LYS A 171 8.36 -19.64 -21.09
C LYS A 171 9.55 -20.24 -20.39
N PRO A 172 10.74 -19.75 -20.72
CA PRO A 172 11.95 -20.28 -20.06
C PRO A 172 12.09 -19.80 -18.64
N ASP A 173 12.90 -20.47 -17.84
CA ASP A 173 13.15 -19.96 -16.50
C ASP A 173 13.93 -18.64 -16.59
N LEU A 174 14.09 -17.97 -15.46
CA LEU A 174 14.67 -16.64 -15.43
C LEU A 174 16.10 -16.63 -15.95
N GLU A 175 16.91 -17.57 -15.49
CA GLU A 175 18.32 -17.56 -15.84
C GLU A 175 18.56 -17.82 -17.32
N THR A 176 17.72 -18.68 -17.92
CA THR A 176 17.74 -18.89 -19.38
C THR A 176 17.28 -17.64 -20.15
N ALA A 177 16.30 -16.95 -19.58
CA ALA A 177 15.78 -15.75 -20.20
C ALA A 177 16.84 -14.65 -20.18
N LYS A 178 17.58 -14.55 -19.07
CA LYS A 178 18.70 -13.61 -18.97
C LYS A 178 19.78 -13.89 -20.01
N LYS A 179 20.09 -15.17 -20.25
CA LYS A 179 21.11 -15.52 -21.25
C LYS A 179 20.61 -15.25 -22.64
N PHE A 180 19.34 -15.56 -22.90
CA PHE A 180 18.77 -15.31 -24.22
C PHE A 180 18.92 -13.84 -24.61
N VAL A 181 18.65 -12.94 -23.68
CA VAL A 181 18.73 -11.52 -23.97
C VAL A 181 20.17 -11.09 -24.24
N GLU A 182 21.08 -11.41 -23.31
CA GLU A 182 22.53 -11.10 -23.40
C GLU A 182 23.11 -11.46 -24.75
N SER A 183 22.72 -12.63 -25.22
CA SER A 183 23.24 -13.19 -26.47
C SER A 183 23.02 -12.30 -27.66
N GLY A 184 21.97 -11.48 -27.65
CA GLY A 184 21.64 -10.65 -28.79
C GLY A 184 20.94 -11.43 -29.88
N ARG A 185 20.87 -12.76 -29.74
CA ARG A 185 20.38 -13.64 -30.81
C ARG A 185 18.92 -13.98 -30.77
N PHE A 186 18.14 -13.41 -29.86
CA PHE A 186 16.74 -13.83 -29.68
C PHE A 186 15.74 -12.71 -29.79
N LEU A 187 14.53 -13.03 -30.21
CA LEU A 187 13.41 -12.10 -30.16
C LEU A 187 12.29 -12.70 -29.30
N TRP A 188 11.47 -11.84 -28.72
CA TRP A 188 10.24 -12.25 -28.06
C TRP A 188 9.23 -12.62 -29.11
N ASN A 189 8.54 -13.73 -28.89
CA ASN A 189 7.35 -14.09 -29.63
C ASN A 189 6.19 -13.15 -29.30
N SER A 190 5.65 -12.52 -30.32
CA SER A 190 4.52 -11.65 -30.11
C SER A 190 3.27 -12.40 -29.74
N GLY A 191 3.18 -13.68 -30.03
CA GLY A 191 1.96 -14.42 -29.82
C GLY A 191 1.04 -14.40 -31.03
N MET A 192 1.41 -13.66 -32.06
CA MET A 192 0.63 -13.68 -33.29
C MET A 192 1.29 -14.67 -34.19
N PHE A 193 0.49 -15.34 -35.00
CA PHE A 193 1.02 -16.29 -35.99
C PHE A 193 0.35 -16.13 -37.34
N LEU A 194 1.07 -16.50 -38.38
CA LEU A 194 0.54 -16.55 -39.76
C LEU A 194 0.92 -17.85 -40.41
N TRP A 195 -0.07 -18.54 -40.97
CA TRP A 195 0.17 -19.78 -41.72
C TRP A 195 -0.93 -20.11 -42.71
N LYS A 196 -0.57 -20.89 -43.74
CA LYS A 196 -1.53 -21.43 -44.68
C LYS A 196 -2.28 -22.54 -43.99
N ALA A 197 -3.59 -22.57 -44.16
CA ALA A 197 -4.44 -23.44 -43.35
C ALA A 197 -3.98 -24.90 -43.43
N ARG A 198 -3.83 -25.42 -44.64
CA ARG A 198 -3.47 -26.84 -44.81
C ARG A 198 -2.14 -27.19 -44.14
N GLU A 199 -1.18 -26.27 -44.20
CA GLU A 199 0.13 -26.53 -43.66
C GLU A 199 0.09 -26.68 -42.14
N PHE A 200 -0.64 -25.79 -41.47
CA PHE A 200 -0.79 -25.87 -40.04
C PHE A 200 -1.38 -27.21 -39.63
N ILE A 201 -2.39 -27.69 -40.34
CA ILE A 201 -3.09 -28.89 -39.93
C ILE A 201 -2.15 -30.10 -39.95
N GLU A 202 -1.39 -30.25 -41.02
CA GLU A 202 -0.36 -31.30 -41.11
C GLU A 202 0.69 -31.14 -40.04
N GLU A 203 0.96 -29.91 -39.67
CA GLU A 203 1.96 -29.67 -38.66
C GLU A 203 1.45 -30.16 -37.26
N VAL A 204 0.20 -29.87 -36.92
CA VAL A 204 -0.40 -30.43 -35.70
C VAL A 204 -0.51 -31.95 -35.81
N LYS A 205 -0.75 -32.45 -37.02
CA LYS A 205 -0.82 -33.90 -37.21
C LYS A 205 0.45 -34.59 -36.74
N VAL A 206 1.59 -33.98 -37.02
CA VAL A 206 2.90 -34.59 -36.74
C VAL A 206 3.38 -34.23 -35.33
N CYS A 207 3.19 -32.97 -34.96
CA CYS A 207 3.55 -32.40 -33.68
C CYS A 207 2.73 -32.76 -32.47
N GLU A 208 1.43 -32.87 -32.63
CA GLU A 208 0.60 -33.22 -31.51
C GLU A 208 -0.68 -33.90 -31.91
N PRO A 209 -0.61 -35.16 -32.20
CA PRO A 209 -1.70 -35.88 -32.81
C PRO A 209 -2.99 -35.87 -32.03
N SER A 210 -2.93 -35.86 -30.72
CA SER A 210 -4.16 -35.76 -29.89
C SER A 210 -5.15 -34.76 -30.49
N ILE A 211 -4.63 -33.63 -30.92
CA ILE A 211 -5.47 -32.55 -31.39
C ILE A 211 -6.06 -32.92 -32.76
N TYR A 212 -5.23 -33.46 -33.64
CA TYR A 212 -5.65 -33.79 -35.01
C TYR A 212 -6.61 -34.98 -35.06
N GLU A 213 -6.22 -36.06 -34.39
CA GLU A 213 -6.97 -37.31 -34.32
C GLU A 213 -8.41 -37.12 -33.89
N ASN A 214 -8.60 -36.18 -32.97
CA ASN A 214 -9.86 -35.93 -32.34
C ASN A 214 -10.67 -34.79 -32.99
N LEU A 215 -9.98 -33.87 -33.66
CA LEU A 215 -10.70 -32.75 -34.27
C LEU A 215 -10.73 -32.72 -35.80
N LYS A 216 -9.96 -33.60 -36.46
CA LYS A 216 -9.82 -33.60 -37.94
C LYS A 216 -11.13 -33.56 -38.71
N ASP A 217 -12.11 -34.35 -38.29
CA ASP A 217 -13.35 -34.49 -39.04
C ASP A 217 -14.53 -33.78 -38.35
N VAL A 218 -14.24 -32.90 -37.40
CA VAL A 218 -15.29 -32.29 -36.60
C VAL A 218 -15.67 -30.98 -37.21
N ASP A 219 -16.97 -30.72 -37.35
CA ASP A 219 -17.45 -29.38 -37.76
C ASP A 219 -17.34 -28.47 -36.55
N PRO A 220 -16.55 -27.40 -36.64
CA PRO A 220 -16.39 -26.61 -35.43
C PRO A 220 -17.66 -25.90 -34.96
N ARG A 221 -18.63 -25.70 -35.85
CA ARG A 221 -19.89 -25.01 -35.52
C ARG A 221 -20.96 -25.96 -35.02
N ASN A 222 -20.66 -27.26 -35.03
CA ASN A 222 -21.55 -28.26 -34.46
C ASN A 222 -21.17 -28.50 -33.02
N PHE A 223 -21.82 -27.76 -32.13
CA PHE A 223 -21.44 -27.71 -30.72
C PHE A 223 -21.37 -29.10 -30.05
N GLU A 224 -22.41 -29.94 -30.18
CA GLU A 224 -22.41 -31.29 -29.55
C GLU A 224 -21.28 -32.21 -30.03
N GLU A 225 -20.94 -32.09 -31.29
CA GLU A 225 -19.91 -32.94 -31.87
C GLU A 225 -18.54 -32.40 -31.43
N LEU A 226 -18.46 -31.10 -31.18
CA LEU A 226 -17.27 -30.46 -30.64
C LEU A 226 -17.12 -30.76 -29.14
N LYS A 227 -18.23 -30.71 -28.43
CA LYS A 227 -18.28 -31.09 -27.02
C LYS A 227 -17.65 -32.45 -26.80
N LYS A 228 -18.04 -33.47 -27.60
CA LYS A 228 -17.55 -34.85 -27.48
C LYS A 228 -16.08 -34.92 -27.79
N ALA A 229 -15.65 -34.15 -28.79
CA ALA A 229 -14.25 -34.17 -29.20
C ALA A 229 -13.36 -33.54 -28.11
N TYR A 230 -13.80 -32.46 -27.51
CA TYR A 230 -12.99 -31.77 -26.51
C TYR A 230 -12.75 -32.56 -25.23
N GLU A 231 -13.61 -33.48 -24.86
CA GLU A 231 -13.28 -34.36 -23.74
C GLU A 231 -12.00 -35.16 -23.98
N LYS A 232 -11.72 -35.47 -25.23
CA LYS A 232 -10.56 -36.27 -25.60
C LYS A 232 -9.32 -35.39 -25.83
N VAL A 233 -9.52 -34.11 -26.02
CA VAL A 233 -8.46 -33.20 -26.42
C VAL A 233 -7.73 -32.59 -25.18
N PRO A 234 -6.41 -32.46 -25.27
CA PRO A 234 -5.62 -31.83 -24.21
C PRO A 234 -5.69 -30.33 -24.11
N SER A 235 -5.29 -29.81 -22.97
CA SER A 235 -5.22 -28.38 -22.83
C SER A 235 -3.75 -28.05 -22.97
N ILE A 236 -3.41 -27.42 -24.09
CA ILE A 236 -2.02 -27.14 -24.45
C ILE A 236 -1.96 -25.93 -25.40
N SER A 237 -1.05 -25.00 -25.11
CA SER A 237 -0.79 -23.86 -26.00
C SER A 237 -0.19 -24.25 -27.35
N VAL A 238 -0.52 -23.49 -28.37
CA VAL A 238 0.07 -23.71 -29.68
C VAL A 238 1.62 -23.67 -29.57
N ASP A 239 2.14 -22.85 -28.67
CA ASP A 239 3.59 -22.65 -28.56
C ASP A 239 4.31 -23.92 -28.04
N TYR A 240 3.70 -24.61 -27.09
CA TYR A 240 4.24 -25.83 -26.57
C TYR A 240 3.85 -26.99 -27.49
N ALA A 241 2.63 -26.98 -28.01
CA ALA A 241 2.18 -28.11 -28.82
C ALA A 241 2.97 -28.21 -30.13
N VAL A 242 3.16 -27.08 -30.82
CA VAL A 242 3.67 -27.05 -32.21
C VAL A 242 4.95 -26.25 -32.41
N MET A 243 5.01 -25.06 -31.82
CA MET A 243 6.09 -24.15 -32.14
C MET A 243 7.44 -24.61 -31.63
N GLU A 244 7.49 -25.19 -30.44
CA GLU A 244 8.75 -25.68 -29.90
C GLU A 244 9.32 -26.86 -30.71
N LYS A 245 8.44 -27.55 -31.44
CA LYS A 245 8.79 -28.85 -32.03
C LYS A 245 9.05 -28.72 -33.51
N SER A 246 8.34 -27.79 -34.15
CA SER A 246 8.36 -27.67 -35.61
C SER A 246 9.72 -27.25 -36.15
N LYS A 247 10.03 -27.76 -37.34
CA LYS A 247 11.24 -27.38 -38.08
C LYS A 247 10.93 -26.40 -39.24
N LYS A 248 9.70 -25.89 -39.31
CA LYS A 248 9.25 -25.06 -40.41
C LYS A 248 8.83 -23.69 -39.91
N VAL A 249 9.51 -23.17 -38.89
CA VAL A 249 9.13 -21.91 -38.29
C VAL A 249 10.03 -20.79 -38.77
N ARG A 250 9.44 -19.69 -39.22
CA ARG A 250 10.21 -18.49 -39.57
C ARG A 250 9.76 -17.30 -38.74
N VAL A 251 10.55 -16.23 -38.77
CA VAL A 251 10.24 -15.02 -38.02
C VAL A 251 10.41 -13.76 -38.86
N VAL A 252 9.45 -12.86 -38.73
CA VAL A 252 9.58 -11.56 -39.32
C VAL A 252 9.67 -10.58 -38.18
N LYS A 253 10.69 -9.74 -38.18
CA LYS A 253 10.84 -8.69 -37.18
C LYS A 253 9.67 -7.70 -37.28
N ALA A 254 9.12 -7.31 -36.14
CA ALA A 254 7.97 -6.38 -36.10
C ALA A 254 8.42 -4.94 -36.28
N ASP A 255 7.91 -4.27 -37.31
CA ASP A 255 8.14 -2.83 -37.49
C ASP A 255 7.23 -1.97 -36.56
N PHE A 256 6.68 -2.50 -35.48
CA PHE A 256 5.68 -1.77 -34.68
C PHE A 256 5.94 -1.96 -33.17
N GLU A 257 5.58 -0.98 -32.35
CA GLU A 257 5.66 -1.19 -30.92
C GLU A 257 4.48 -2.02 -30.43
N TRP A 258 4.79 -2.88 -29.46
CA TRP A 258 3.91 -3.93 -29.04
C TRP A 258 3.96 -4.06 -27.56
N SER A 259 2.87 -4.59 -27.02
CA SER A 259 2.78 -4.74 -25.58
C SER A 259 1.72 -5.80 -25.29
N ASP A 260 2.11 -6.79 -24.52
CA ASP A 260 1.19 -7.79 -23.96
C ASP A 260 0.61 -7.29 -22.63
N LEU A 261 -0.70 -7.34 -22.50
CA LEU A 261 -1.30 -6.79 -21.28
C LEU A 261 -1.37 -7.89 -20.22
N GLY A 262 -0.22 -8.18 -19.60
CA GLY A 262 -0.08 -9.30 -18.69
C GLY A 262 -0.65 -8.99 -17.32
N ASN A 263 -0.20 -7.86 -16.75
CA ASN A 263 -0.60 -7.44 -15.43
C ASN A 263 -0.50 -5.92 -15.24
N TRP A 264 -0.83 -5.43 -14.06
CA TRP A 264 -0.76 -4.00 -13.79
C TRP A 264 0.61 -3.38 -14.06
N SER A 265 1.66 -4.15 -13.92
CA SER A 265 2.96 -3.68 -14.34
C SER A 265 2.98 -3.23 -15.83
N SER A 266 2.33 -4.02 -16.68
CA SER A 266 2.18 -3.67 -18.08
C SER A 266 1.54 -2.30 -18.25
N VAL A 267 0.48 -2.01 -17.49
CA VAL A 267 -0.23 -0.74 -17.69
C VAL A 267 0.70 0.39 -17.27
N ARG A 268 1.51 0.14 -16.25
CA ARG A 268 2.46 1.15 -15.85
C ARG A 268 3.49 1.39 -16.92
N GLU A 269 3.93 0.37 -17.65
CA GLU A 269 4.90 0.55 -18.75
C GLU A 269 4.38 1.49 -19.81
N ILE A 270 3.08 1.42 -20.06
CA ILE A 270 2.48 2.31 -21.01
C ILE A 270 2.32 3.74 -20.42
N GLU A 271 1.76 3.87 -19.23
CA GLU A 271 1.40 5.16 -18.70
C GLU A 271 2.51 5.86 -17.96
N GLY A 272 3.52 5.12 -17.51
CA GLY A 272 4.58 5.67 -16.67
C GLY A 272 4.15 5.76 -15.21
N TYR A 273 5.12 6.02 -14.32
CA TYR A 273 4.86 6.19 -12.87
C TYR A 273 3.99 7.38 -12.61
N THR A 274 3.25 7.34 -11.50
CA THR A 274 2.35 8.43 -11.15
C THR A 274 3.11 9.55 -10.46
N GLU A 275 2.65 10.78 -10.67
CA GLU A 275 3.25 11.92 -10.00
C GLU A 275 2.29 12.54 -8.97
N GLU A 276 2.79 13.48 -8.18
CA GLU A 276 1.94 14.03 -7.13
C GLU A 276 0.80 14.88 -7.66
N SER A 277 -0.39 14.67 -7.07
CA SER A 277 -1.54 15.50 -7.39
C SER A 277 -2.38 15.75 -6.13
N ASP A 278 -3.60 16.24 -6.31
CA ASP A 278 -4.52 16.46 -5.20
C ASP A 278 -4.82 15.15 -4.49
N GLU A 279 -5.02 14.11 -5.30
CA GLU A 279 -5.50 12.83 -4.80
C GLU A 279 -4.40 11.77 -4.62
N VAL A 280 -3.15 12.15 -4.86
CA VAL A 280 -2.02 11.22 -4.80
C VAL A 280 -0.83 11.91 -4.13
N ILE A 281 -0.68 11.67 -2.81
CA ILE A 281 0.41 12.26 -2.01
C ILE A 281 1.53 11.26 -1.79
N LEU A 282 2.75 11.66 -2.12
CA LEU A 282 3.91 10.78 -2.05
C LEU A 282 4.92 11.39 -1.11
N VAL A 283 5.36 10.58 -0.15
CA VAL A 283 6.39 10.96 0.83
C VAL A 283 7.42 9.83 0.92
N ASP A 284 8.67 10.12 0.59
CA ASP A 284 9.73 9.11 0.54
C ASP A 284 9.33 7.85 -0.24
N SER A 285 8.63 8.10 -1.36
CA SER A 285 8.12 7.06 -2.24
C SER A 285 8.38 7.42 -3.71
N ASP A 286 9.18 6.61 -4.40
CA ASP A 286 9.48 6.82 -5.84
C ASP A 286 8.94 5.65 -6.65
N ARG A 287 8.68 5.88 -7.93
CA ARG A 287 8.30 4.81 -8.86
C ARG A 287 7.07 4.10 -8.35
N VAL A 288 6.04 4.90 -8.14
CA VAL A 288 4.78 4.46 -7.57
C VAL A 288 3.75 4.57 -8.68
N PHE A 289 2.78 3.67 -8.72
CA PHE A 289 1.75 3.74 -9.75
C PHE A 289 0.41 3.66 -9.04
N VAL A 290 -0.40 4.71 -9.15
CA VAL A 290 -1.54 4.87 -8.29
C VAL A 290 -2.77 5.31 -9.06
N LYS A 291 -3.87 4.61 -8.85
CA LYS A 291 -5.13 4.92 -9.48
C LYS A 291 -6.14 5.13 -8.38
N THR A 292 -6.83 6.26 -8.42
CA THR A 292 -7.68 6.66 -7.32
C THR A 292 -9.11 6.54 -7.76
N HIS A 293 -10.00 6.44 -6.80
CA HIS A 293 -11.40 6.44 -7.13
C HIS A 293 -12.01 7.71 -6.49
N ASN A 294 -12.33 7.73 -5.22
CA ASN A 294 -13.03 8.92 -4.66
C ASN A 294 -12.29 9.66 -3.52
N LYS A 295 -11.05 9.28 -3.27
CA LYS A 295 -10.34 9.67 -2.04
C LYS A 295 -8.88 9.91 -2.36
N PRO A 296 -8.22 10.72 -1.54
CA PRO A 296 -6.79 10.85 -1.64
C PRO A 296 -6.11 9.58 -1.16
N ILE A 297 -5.11 9.14 -1.92
CA ILE A 297 -4.26 8.04 -1.52
C ILE A 297 -2.89 8.62 -1.17
N ALA A 298 -2.40 8.35 0.03
CA ALA A 298 -1.02 8.75 0.41
C ALA A 298 -0.13 7.52 0.50
N VAL A 299 1.02 7.54 -0.19
CA VAL A 299 1.99 6.45 -0.12
C VAL A 299 3.27 6.91 0.56
N VAL A 300 3.53 6.44 1.79
CA VAL A 300 4.72 6.83 2.56
C VAL A 300 5.75 5.72 2.71
N GLY A 301 7.01 6.03 2.40
CA GLY A 301 8.12 5.12 2.64
C GLY A 301 8.21 3.87 1.78
N LEU A 302 7.56 3.87 0.60
CA LEU A 302 7.55 2.71 -0.29
C LEU A 302 7.87 3.06 -1.78
N SER A 303 8.67 2.23 -2.45
CA SER A 303 8.99 2.43 -3.87
C SER A 303 8.63 1.23 -4.71
N ASP A 304 8.43 1.43 -6.00
CA ASP A 304 8.12 0.33 -6.92
C ASP A 304 6.88 -0.38 -6.46
N VAL A 305 5.82 0.36 -6.26
CA VAL A 305 4.59 -0.16 -5.72
C VAL A 305 3.43 0.26 -6.59
N ILE A 306 2.47 -0.63 -6.78
CA ILE A 306 1.25 -0.33 -7.50
C ILE A 306 0.12 -0.23 -6.48
N VAL A 307 -0.67 0.84 -6.55
CA VAL A 307 -1.86 0.99 -5.70
C VAL A 307 -3.06 1.26 -6.58
N ILE A 308 -4.03 0.36 -6.59
CA ILE A 308 -5.22 0.52 -7.41
C ILE A 308 -6.46 0.52 -6.52
N ASP A 309 -7.27 1.59 -6.61
CA ASP A 309 -8.51 1.71 -5.82
C ASP A 309 -9.74 1.75 -6.74
N THR A 310 -10.77 0.95 -6.43
CA THR A 310 -12.02 0.90 -7.20
C THR A 310 -13.12 0.40 -6.28
N PRO A 311 -14.38 0.46 -6.73
CA PRO A 311 -15.46 0.01 -5.84
C PRO A 311 -15.41 -1.48 -5.47
N ASN A 312 -14.70 -2.28 -6.24
CA ASN A 312 -14.50 -3.71 -5.94
C ASN A 312 -13.49 -3.95 -4.82
N GLY A 313 -12.54 -3.02 -4.67
CA GLY A 313 -11.56 -3.12 -3.58
C GLY A 313 -10.30 -2.32 -3.83
N ILE A 314 -9.29 -2.56 -3.01
CA ILE A 314 -8.03 -1.83 -3.05
C ILE A 314 -6.88 -2.81 -3.18
N LEU A 315 -6.02 -2.55 -4.15
CA LEU A 315 -4.85 -3.41 -4.34
C LEU A 315 -3.60 -2.64 -4.00
N ILE A 316 -2.75 -3.25 -3.20
CA ILE A 316 -1.45 -2.70 -2.90
C ILE A 316 -0.44 -3.78 -3.23
N CYS A 317 0.39 -3.56 -4.24
CA CYS A 317 1.25 -4.61 -4.80
C CYS A 317 2.63 -4.11 -5.11
N LYS A 318 3.65 -4.77 -4.61
CA LYS A 318 5.01 -4.49 -5.04
C LYS A 318 5.10 -4.95 -6.50
N GLU A 319 5.80 -4.19 -7.34
CA GLU A 319 5.86 -4.46 -8.80
C GLU A 319 6.29 -5.86 -9.25
N GLU A 320 7.41 -6.34 -8.75
CA GLU A 320 7.88 -7.73 -8.97
C GLU A 320 6.81 -8.81 -8.78
N TYR A 321 5.86 -8.57 -7.88
CA TYR A 321 4.84 -9.56 -7.54
C TYR A 321 3.54 -9.28 -8.28
N ALA A 322 3.58 -8.49 -9.33
CA ALA A 322 2.32 -8.21 -10.03
C ALA A 322 1.61 -9.47 -10.58
N GLN A 323 2.34 -10.57 -10.85
CA GLN A 323 1.68 -11.80 -11.35
C GLN A 323 0.75 -12.37 -10.33
N LYS A 324 1.07 -12.16 -9.05
CA LYS A 324 0.45 -12.87 -7.98
C LYS A 324 -0.88 -12.28 -7.55
N VAL A 325 -1.30 -11.20 -8.21
CA VAL A 325 -2.68 -10.71 -8.04
C VAL A 325 -3.70 -11.79 -8.35
N ARG A 326 -3.32 -12.69 -9.24
CA ARG A 326 -4.10 -13.91 -9.49
C ARG A 326 -4.45 -14.64 -8.20
N GLU A 327 -3.47 -14.81 -7.31
CA GLU A 327 -3.69 -15.56 -6.08
C GLU A 327 -4.62 -14.80 -5.15
N VAL A 328 -4.66 -13.48 -5.29
CA VAL A 328 -5.63 -12.67 -4.56
C VAL A 328 -7.02 -13.10 -4.96
N VAL A 329 -7.25 -13.22 -6.27
CA VAL A 329 -8.59 -13.53 -6.76
C VAL A 329 -9.04 -14.88 -6.22
N LYS A 330 -8.14 -15.87 -6.22
CA LYS A 330 -8.49 -17.22 -5.74
C LYS A 330 -8.83 -17.28 -4.28
N LYS A 331 -8.04 -16.60 -3.44
CA LYS A 331 -8.35 -16.48 -2.01
C LYS A 331 -9.65 -15.72 -1.77
N LEU A 332 -9.90 -14.70 -2.57
CA LEU A 332 -11.06 -13.83 -2.35
C LEU A 332 -12.37 -14.48 -2.79
N PHE A 333 -12.30 -15.54 -3.59
CA PHE A 333 -13.50 -16.14 -4.16
C PHE A 333 -13.52 -17.67 -3.99
N VAL B 1 -4.52 17.44 49.84
CA VAL B 1 -5.15 17.78 48.54
C VAL B 1 -4.09 17.88 47.45
N MET B 2 -4.42 17.47 46.23
CA MET B 2 -3.49 17.60 45.11
C MET B 2 -4.23 18.08 43.87
N LYS B 3 -3.47 18.66 42.94
CA LYS B 3 -4.03 19.02 41.65
C LYS B 3 -3.48 18.12 40.55
N ALA B 4 -4.29 17.91 39.52
CA ALA B 4 -3.81 17.28 38.27
C ALA B 4 -3.85 18.32 37.15
N LEU B 5 -2.79 18.32 36.38
CA LEU B 5 -2.64 19.24 35.27
C LEU B 5 -2.66 18.41 34.01
N ILE B 6 -3.67 18.57 33.16
CA ILE B 6 -3.68 17.83 31.87
C ILE B 6 -3.19 18.71 30.70
N LEU B 7 -2.05 18.35 30.12
CA LEU B 7 -1.52 19.07 28.96
C LEU B 7 -2.18 18.59 27.67
N ALA B 8 -3.01 19.42 27.06
CA ALA B 8 -3.60 19.09 25.74
C ALA B 8 -3.09 20.03 24.64
N GLY B 9 -1.99 19.65 23.99
CA GLY B 9 -1.46 20.43 22.85
C GLY B 9 -1.34 19.63 21.57
N GLY B 10 -2.03 18.49 21.51
CA GLY B 10 -1.69 17.42 20.57
C GLY B 10 -1.57 17.70 19.07
N SER B 11 -0.83 16.83 18.40
CA SER B 11 -0.64 16.91 16.98
C SER B 11 -1.06 15.58 16.34
N GLY B 12 -2.36 15.45 16.08
CA GLY B 12 -2.89 14.20 15.47
C GLY B 12 -2.52 13.98 14.01
N GLU B 13 -1.68 14.83 13.46
CA GLU B 13 -1.36 14.76 12.05
C GLU B 13 -0.97 13.33 11.68
N ARG B 14 -0.09 12.72 12.47
CA ARG B 14 0.45 11.40 12.13
C ARG B 14 -0.61 10.29 11.92
N PHE B 15 -1.82 10.59 12.48
CA PHE B 15 -2.94 9.65 12.47
C PHE B 15 -3.92 9.83 11.29
N TRP B 16 -3.47 10.48 10.23
CA TRP B 16 -4.28 10.62 9.00
C TRP B 16 -4.28 9.31 8.18
N PRO B 17 -5.48 8.93 7.70
CA PRO B 17 -6.76 9.60 7.51
C PRO B 17 -7.84 9.49 8.58
N LEU B 18 -7.51 9.13 9.82
CA LEU B 18 -8.50 9.20 10.91
C LEU B 18 -8.72 10.67 11.23
N SER B 19 -7.61 11.30 11.63
CA SER B 19 -7.57 12.68 12.02
C SER B 19 -7.55 13.62 10.80
N THR B 20 -8.39 14.64 10.86
CA THR B 20 -8.24 15.82 10.04
C THR B 20 -7.50 16.86 10.90
N PRO B 21 -6.97 17.93 10.26
CA PRO B 21 -6.37 19.10 10.93
C PRO B 21 -7.35 19.79 11.90
N GLU B 22 -8.64 19.50 11.73
CA GLU B 22 -9.69 19.93 12.65
C GLU B 22 -9.68 19.18 13.98
N THR B 23 -9.53 17.86 13.94
CA THR B 23 -9.50 17.05 15.16
C THR B 23 -8.08 16.92 15.72
N PRO B 24 -7.71 17.76 16.70
CA PRO B 24 -6.41 17.56 17.33
C PRO B 24 -6.28 16.18 17.94
N LYS B 25 -5.05 15.71 18.12
CA LYS B 25 -4.81 14.35 18.63
C LYS B 25 -5.71 14.01 19.80
N GLN B 26 -5.88 14.96 20.71
CA GLN B 26 -6.53 14.74 21.99
C GLN B 26 -7.95 14.23 21.88
N PHE B 27 -8.62 14.58 20.78
CA PHE B 27 -10.02 14.22 20.60
C PHE B 27 -10.23 12.97 19.74
N LEU B 28 -9.13 12.29 19.40
CA LEU B 28 -9.21 11.08 18.58
C LEU B 28 -9.71 9.93 19.39
N LYS B 29 -10.72 9.25 18.87
CA LYS B 29 -11.20 8.02 19.48
C LYS B 29 -10.49 6.82 18.86
N LEU B 30 -9.24 6.57 19.27
CA LEU B 30 -8.48 5.39 18.81
C LEU B 30 -8.97 4.09 19.42
N PHE B 31 -9.61 4.15 20.57
CA PHE B 31 -10.05 2.96 21.29
C PHE B 31 -11.34 3.23 22.02
N GLY B 32 -12.30 2.33 21.84
CA GLY B 32 -13.50 2.28 22.66
C GLY B 32 -14.46 3.46 22.52
N ASN B 33 -14.51 4.06 21.34
CA ASN B 33 -15.37 5.22 21.12
C ASN B 33 -15.18 6.25 22.23
N LYS B 34 -13.92 6.54 22.54
CA LYS B 34 -13.58 7.55 23.53
C LYS B 34 -12.24 8.18 23.18
N SER B 35 -12.20 9.51 23.29
CA SER B 35 -11.01 10.25 22.94
C SER B 35 -9.90 9.97 23.93
N LEU B 36 -8.69 10.26 23.50
CA LEU B 36 -7.55 10.09 24.38
C LEU B 36 -7.79 10.87 25.68
N MET B 37 -8.14 12.15 25.53
CA MET B 37 -8.38 12.98 26.70
C MET B 37 -9.46 12.39 27.60
N ARG B 38 -10.57 11.93 27.02
CA ARG B 38 -11.70 11.47 27.84
C ARG B 38 -11.31 10.29 28.73
N TRP B 39 -10.62 9.31 28.15
CA TRP B 39 -10.06 8.20 28.90
C TRP B 39 -9.13 8.67 30.01
N THR B 40 -8.30 9.67 29.70
CA THR B 40 -7.36 10.25 30.68
C THR B 40 -8.11 10.92 31.85
N PHE B 41 -9.12 11.70 31.53
CA PHE B 41 -9.98 12.34 32.51
C PHE B 41 -10.78 11.34 33.38
N GLU B 42 -11.34 10.30 32.75
CA GLU B 42 -12.08 9.26 33.50
C GLU B 42 -11.15 8.53 34.46
N ARG B 43 -9.90 8.39 34.05
CA ARG B 43 -8.87 7.77 34.89
C ARG B 43 -8.54 8.66 36.11
N VAL B 44 -8.46 9.96 35.89
CA VAL B 44 -8.21 10.90 36.97
C VAL B 44 -9.39 10.91 37.96
N LEU B 45 -10.62 10.92 37.43
CA LEU B 45 -11.82 11.04 38.25
C LEU B 45 -12.07 9.84 39.14
N GLU B 46 -11.31 8.78 38.93
CA GLU B 46 -11.40 7.58 39.79
C GLU B 46 -10.96 7.89 41.22
N GLU B 47 -10.02 8.82 41.38
CA GLU B 47 -9.53 9.18 42.69
C GLU B 47 -9.61 10.66 42.96
N MET B 48 -10.16 11.45 42.05
CA MET B 48 -10.09 12.90 42.20
C MET B 48 -11.40 13.57 41.90
N ASP B 49 -11.61 14.70 42.55
CA ASP B 49 -12.78 15.54 42.32
C ASP B 49 -12.40 16.38 41.12
N PRO B 50 -13.38 16.68 40.25
CA PRO B 50 -13.10 17.56 39.10
C PRO B 50 -12.52 18.95 39.46
N LYS B 51 -12.95 19.51 40.60
CA LYS B 51 -12.41 20.79 41.08
C LYS B 51 -10.88 20.88 40.96
N ASP B 52 -10.21 19.79 41.31
CA ASP B 52 -8.75 19.76 41.44
C ASP B 52 -8.05 19.33 40.16
N VAL B 53 -8.78 19.24 39.06
CA VAL B 53 -8.19 18.90 37.77
C VAL B 53 -8.16 20.15 36.89
N ILE B 54 -7.01 20.39 36.29
CA ILE B 54 -6.82 21.53 35.41
C ILE B 54 -6.42 21.02 34.05
N VAL B 55 -6.91 21.67 33.00
CA VAL B 55 -6.41 21.42 31.66
C VAL B 55 -5.81 22.69 31.08
N VAL B 56 -4.60 22.59 30.55
CA VAL B 56 -3.95 23.73 29.91
C VAL B 56 -3.96 23.38 28.44
N THR B 57 -4.59 24.22 27.61
CA THR B 57 -4.82 23.92 26.21
C THR B 57 -5.08 25.23 25.44
N HIS B 58 -4.61 25.30 24.20
CA HIS B 58 -4.84 26.47 23.32
C HIS B 58 -6.33 26.86 23.27
N LYS B 59 -6.61 28.15 23.10
CA LYS B 59 -7.99 28.67 23.23
C LYS B 59 -8.99 28.11 22.21
N ASP B 60 -8.55 27.85 20.99
CA ASP B 60 -9.44 27.25 20.00
C ASP B 60 -10.05 25.95 20.51
N TYR B 61 -9.26 25.18 21.26
CA TYR B 61 -9.71 23.88 21.76
C TYR B 61 -10.56 23.97 23.01
N VAL B 62 -10.74 25.18 23.58
CA VAL B 62 -11.45 25.32 24.86
C VAL B 62 -12.88 24.81 24.73
N GLU B 63 -13.63 25.33 23.77
CA GLU B 63 -15.06 25.05 23.67
C GLU B 63 -15.35 23.56 23.47
N ARG B 64 -14.46 22.86 22.78
CA ARG B 64 -14.62 21.41 22.60
C ARG B 64 -14.20 20.64 23.86
N THR B 65 -13.10 21.09 24.46
CA THR B 65 -12.61 20.49 25.67
C THR B 65 -13.72 20.50 26.73
N LYS B 66 -14.53 21.56 26.72
CA LYS B 66 -15.69 21.68 27.62
C LYS B 66 -16.77 20.64 27.30
N LYS B 67 -17.09 20.49 26.01
CA LYS B 67 -18.09 19.52 25.58
C LYS B 67 -17.68 18.09 25.94
N GLU B 68 -16.42 17.76 25.68
CA GLU B 68 -15.82 16.48 26.05
C GLU B 68 -15.84 16.16 27.54
N LEU B 69 -15.64 17.18 28.36
CA LEU B 69 -15.46 17.01 29.79
C LEU B 69 -16.46 17.87 30.55
N PRO B 70 -17.77 17.55 30.47
CA PRO B 70 -18.81 18.40 31.08
C PRO B 70 -18.70 18.55 32.62
N GLU B 71 -18.02 17.61 33.28
CA GLU B 71 -17.90 17.61 34.73
C GLU B 71 -16.96 18.70 35.21
N LEU B 72 -16.02 19.08 34.35
CA LEU B 72 -15.00 20.07 34.69
C LEU B 72 -15.61 21.45 34.90
N PRO B 73 -15.12 22.22 35.89
CA PRO B 73 -15.53 23.63 35.96
C PRO B 73 -14.95 24.49 34.84
N ASP B 74 -15.59 25.61 34.53
CA ASP B 74 -15.10 26.46 33.46
C ASP B 74 -13.78 27.11 33.86
N GLU B 75 -13.72 27.59 35.09
CA GLU B 75 -12.50 28.19 35.59
C GLU B 75 -11.31 27.21 35.53
N ASN B 76 -11.57 25.91 35.35
CA ASN B 76 -10.51 24.90 35.32
C ASN B 76 -9.81 24.65 33.98
N ILE B 77 -10.35 25.16 32.89
CA ILE B 77 -9.67 25.07 31.60
C ILE B 77 -8.97 26.40 31.36
N ILE B 78 -7.64 26.35 31.25
CA ILE B 78 -6.83 27.55 31.03
C ILE B 78 -6.55 27.72 29.55
N ALA B 79 -6.99 28.85 28.99
CA ALA B 79 -6.80 29.15 27.58
C ALA B 79 -5.41 29.74 27.34
N GLU B 80 -4.54 29.02 26.64
CA GLU B 80 -3.24 29.55 26.23
C GLU B 80 -3.34 30.33 24.90
N PRO B 81 -2.54 31.41 24.74
CA PRO B 81 -2.57 32.23 23.53
C PRO B 81 -1.74 31.66 22.36
N MET B 82 -0.79 30.78 22.67
CA MET B 82 0.12 30.22 21.69
C MET B 82 0.59 28.85 22.14
N LYS B 83 0.99 28.02 21.18
CA LYS B 83 1.58 26.72 21.49
C LYS B 83 3.07 26.91 21.80
N LYS B 84 3.43 26.77 23.07
CA LYS B 84 4.82 27.02 23.51
C LYS B 84 5.51 25.80 24.10
N ASN B 85 5.00 24.62 23.81
CA ASN B 85 5.50 23.38 24.39
C ASN B 85 5.29 23.35 25.92
N THR B 86 5.72 22.24 26.54
CA THR B 86 5.26 21.86 27.88
C THR B 86 5.80 22.74 29.02
N ALA B 87 7.03 23.22 28.96
CA ALA B 87 7.58 23.98 30.09
C ALA B 87 6.69 25.16 30.53
N PRO B 88 6.35 26.06 29.60
CA PRO B 88 5.47 27.16 29.98
C PRO B 88 4.10 26.73 30.44
N ALA B 89 3.57 25.68 29.82
CA ALA B 89 2.27 25.12 30.23
C ALA B 89 2.32 24.55 31.66
N CYS B 90 3.40 23.85 32.00
CA CYS B 90 3.65 23.38 33.37
C CYS B 90 3.76 24.51 34.39
N PHE B 91 4.60 25.48 34.11
CA PHE B 91 4.73 26.64 34.98
C PHE B 91 3.37 27.33 35.23
N ILE B 92 2.75 27.81 34.16
CA ILE B 92 1.43 28.45 34.25
C ILE B 92 0.45 27.63 35.08
N GLY B 93 0.48 26.32 34.89
CA GLY B 93 -0.45 25.42 35.60
C GLY B 93 -0.14 25.28 37.07
N THR B 94 1.11 24.92 37.36
CA THR B 94 1.61 24.75 38.71
C THR B 94 1.40 25.98 39.61
N LYS B 95 1.39 27.16 38.98
CA LYS B 95 1.08 28.40 39.67
C LYS B 95 -0.32 28.44 40.29
N LEU B 96 -1.24 27.63 39.76
CA LEU B 96 -2.64 27.67 40.19
C LEU B 96 -2.86 26.93 41.49
N ALA B 97 -1.88 26.11 41.88
CA ALA B 97 -1.90 25.44 43.17
C ALA B 97 -1.29 26.30 44.31
N ASP B 98 -1.60 25.93 45.54
CA ASP B 98 -0.97 26.51 46.74
C ASP B 98 0.49 26.01 46.87
N ASP B 99 1.38 26.86 47.37
CA ASP B 99 2.84 26.61 47.36
C ASP B 99 3.21 25.18 47.73
N ASP B 100 2.53 24.68 48.75
CA ASP B 100 2.73 23.37 49.33
C ASP B 100 2.28 22.21 48.44
N GLU B 101 1.28 22.49 47.61
CA GLU B 101 0.44 21.47 47.02
C GLU B 101 1.10 20.61 45.90
N PRO B 102 0.98 19.27 46.01
CA PRO B 102 1.44 18.38 44.97
C PRO B 102 0.67 18.56 43.66
N VAL B 103 1.40 18.61 42.54
CA VAL B 103 0.77 18.64 41.24
C VAL B 103 1.24 17.48 40.36
N LEU B 104 0.27 16.71 39.88
CA LEU B 104 0.49 15.59 38.96
C LEU B 104 0.33 16.11 37.53
N VAL B 105 1.42 16.18 36.79
CA VAL B 105 1.34 16.60 35.39
C VAL B 105 1.16 15.37 34.49
N LEU B 106 0.11 15.37 33.67
CA LEU B 106 -0.26 14.25 32.82
C LEU B 106 -0.48 14.67 31.39
N PRO B 107 0.16 14.00 30.44
CA PRO B 107 -0.19 14.15 29.01
C PRO B 107 -1.58 13.59 28.70
N ALA B 108 -2.25 14.11 27.69
CA ALA B 108 -3.56 13.58 27.27
C ALA B 108 -3.40 12.46 26.30
N ASP B 109 -2.19 12.31 25.75
CA ASP B 109 -2.00 11.44 24.56
C ASP B 109 -1.58 10.02 24.88
N HIS B 110 -1.70 9.59 26.13
CA HIS B 110 -1.26 8.26 26.54
C HIS B 110 -2.41 7.22 26.67
N ARG B 111 -2.00 5.97 26.77
CA ARG B 111 -2.89 4.88 27.01
C ARG B 111 -2.34 4.07 28.14
N ILE B 112 -3.18 3.90 29.17
CA ILE B 112 -2.83 3.25 30.42
C ILE B 112 -4.05 2.43 30.86
N PRO B 113 -4.09 1.17 30.44
CA PRO B 113 -5.28 0.39 30.66
C PRO B 113 -5.53 0.15 32.12
N ASP B 114 -4.49 0.06 32.93
CA ASP B 114 -4.69 -0.28 34.36
C ASP B 114 -4.77 0.99 35.22
N THR B 115 -5.98 1.45 35.48
CA THR B 115 -6.24 2.61 36.36
C THR B 115 -5.80 2.41 37.82
N LYS B 116 -5.98 1.19 38.34
CA LYS B 116 -5.69 0.94 39.72
C LYS B 116 -4.18 0.92 39.91
N LYS B 117 -3.46 0.24 39.03
CA LYS B 117 -2.00 0.25 39.13
C LYS B 117 -1.43 1.62 38.87
N PHE B 118 -2.16 2.42 38.10
CA PHE B 118 -1.73 3.77 37.85
C PHE B 118 -1.78 4.55 39.17
N TRP B 119 -2.89 4.43 39.89
CA TRP B 119 -3.02 5.07 41.17
C TRP B 119 -2.14 4.46 42.23
N LYS B 120 -1.91 3.15 42.16
CA LYS B 120 -0.92 2.55 43.03
C LYS B 120 0.41 3.26 42.86
N THR B 121 0.82 3.51 41.62
CA THR B 121 2.12 4.17 41.42
C THR B 121 2.12 5.61 41.89
N VAL B 122 1.03 6.32 41.62
CA VAL B 122 0.92 7.73 42.04
C VAL B 122 1.02 7.93 43.54
N LYS B 123 0.29 7.11 44.27
CA LYS B 123 0.33 7.05 45.71
C LYS B 123 1.75 6.83 46.23
N LYS B 124 2.46 5.91 45.58
CA LYS B 124 3.79 5.52 46.03
C LYS B 124 4.77 6.66 45.73
N ALA B 125 4.50 7.40 44.66
CA ALA B 125 5.27 8.59 44.32
C ALA B 125 5.00 9.75 45.31
N LEU B 126 3.73 9.95 45.67
CA LEU B 126 3.34 10.95 46.67
C LEU B 126 4.06 10.82 48.01
N ASP B 127 4.16 9.60 48.54
CA ASP B 127 4.84 9.40 49.81
C ASP B 127 6.29 9.74 49.61
N ALA B 128 6.85 9.23 48.51
CA ALA B 128 8.18 9.64 48.09
C ALA B 128 8.33 11.17 48.10
N LEU B 129 7.40 11.88 47.47
CA LEU B 129 7.48 13.35 47.41
C LEU B 129 7.54 13.97 48.81
N GLU B 130 6.69 13.49 49.70
CA GLU B 130 6.63 13.99 51.06
C GLU B 130 7.92 13.73 51.81
N LYS B 131 8.48 12.54 51.62
CA LYS B 131 9.68 12.12 52.34
C LYS B 131 10.93 12.80 51.84
N TYR B 132 11.07 12.94 50.51
CA TYR B 132 12.31 13.39 49.90
C TYR B 132 12.24 14.68 49.10
N ASP B 133 11.05 15.14 48.74
CA ASP B 133 10.93 16.32 47.86
C ASP B 133 11.70 16.13 46.54
N GLY B 134 11.91 17.22 45.81
CA GLY B 134 12.56 17.17 44.52
C GLY B 134 11.47 16.96 43.50
N LEU B 135 11.87 16.68 42.26
CA LEU B 135 10.94 16.49 41.15
C LEU B 135 10.87 15.03 40.73
N PHE B 136 9.65 14.50 40.61
CA PHE B 136 9.46 13.10 40.31
C PHE B 136 9.02 12.83 38.89
N THR B 137 9.62 11.79 38.31
CA THR B 137 9.22 11.23 37.02
C THR B 137 8.83 9.76 37.22
N PHE B 138 8.17 9.18 36.22
CA PHE B 138 7.72 7.77 36.25
C PHE B 138 8.38 6.98 35.14
N GLY B 139 9.22 6.03 35.51
CA GLY B 139 10.04 5.33 34.55
C GLY B 139 9.41 4.07 34.00
N ILE B 140 9.42 3.95 32.68
CA ILE B 140 8.95 2.76 31.97
C ILE B 140 10.18 1.99 31.47
N VAL B 141 10.19 0.67 31.64
CA VAL B 141 11.25 -0.20 31.12
C VAL B 141 11.25 -0.19 29.60
N PRO B 142 12.42 0.08 28.97
CA PRO B 142 12.49 0.18 27.51
C PRO B 142 12.47 -1.16 26.80
N THR B 143 11.79 -1.21 25.66
CA THR B 143 11.71 -2.41 24.84
C THR B 143 12.28 -2.18 23.44
N ARG B 144 12.83 -0.99 23.19
CA ARG B 144 13.38 -0.62 21.86
C ARG B 144 14.14 0.71 21.96
N PRO B 145 15.06 0.99 21.03
CA PRO B 145 15.81 2.26 21.05
C PRO B 145 15.01 3.46 20.53
N GLU B 146 13.90 3.77 21.19
CA GLU B 146 13.04 4.87 20.79
C GLU B 146 13.76 6.21 20.87
N THR B 147 13.56 7.03 19.84
CA THR B 147 14.25 8.31 19.69
C THR B 147 13.40 9.51 20.10
N GLY B 148 12.09 9.32 20.24
CA GLY B 148 11.18 10.40 20.67
C GLY B 148 10.80 10.35 22.15
N TYR B 149 11.57 9.65 22.96
CA TYR B 149 11.33 9.50 24.39
C TYR B 149 12.54 10.02 25.16
N GLY B 150 12.33 10.48 26.39
CA GLY B 150 13.42 10.88 27.27
C GLY B 150 13.98 9.69 28.02
N TYR B 151 15.23 9.75 28.43
CA TYR B 151 15.90 8.62 29.08
C TYR B 151 16.50 8.98 30.44
N ILE B 152 16.12 8.23 31.46
CA ILE B 152 16.52 8.51 32.84
C ILE B 152 17.54 7.50 33.33
N GLU B 153 18.71 7.93 33.78
CA GLU B 153 19.62 6.98 34.42
C GLU B 153 19.33 6.82 35.91
N ILE B 154 19.17 5.58 36.35
CA ILE B 154 18.91 5.25 37.75
C ILE B 154 20.15 5.53 38.61
N GLY B 155 19.92 6.07 39.81
CA GLY B 155 21.00 6.45 40.74
C GLY B 155 20.75 5.95 42.15
N GLU B 156 21.30 6.66 43.14
CA GLU B 156 21.19 6.30 44.56
C GLU B 156 19.74 5.94 44.89
N GLU B 157 19.52 4.73 45.39
CA GLU B 157 18.19 4.24 45.78
C GLU B 157 17.73 4.92 47.06
N LEU B 158 16.59 5.60 47.01
CA LEU B 158 15.99 6.22 48.21
C LEU B 158 15.29 5.16 49.07
N GLU B 159 14.45 4.38 48.43
CA GLU B 159 13.81 3.22 49.05
C GLU B 159 13.39 2.31 47.90
N GLU B 160 12.87 1.13 48.22
CA GLU B 160 12.50 0.16 47.18
C GLU B 160 11.61 0.82 46.15
N GLY B 161 12.03 0.73 44.89
CA GLY B 161 11.23 1.25 43.79
C GLY B 161 11.42 2.72 43.53
N VAL B 162 12.19 3.40 44.38
CA VAL B 162 12.39 4.85 44.28
C VAL B 162 13.87 5.20 44.31
N HIS B 163 14.33 5.87 43.26
CA HIS B 163 15.73 6.20 43.11
C HIS B 163 15.90 7.67 42.80
N LYS B 164 17.08 8.19 43.07
CA LYS B 164 17.49 9.50 42.55
C LYS B 164 17.84 9.30 41.08
N VAL B 165 17.66 10.35 40.27
CA VAL B 165 18.08 10.30 38.86
C VAL B 165 19.53 10.78 38.68
N ALA B 166 20.42 9.83 38.35
CA ALA B 166 21.83 10.14 38.08
C ALA B 166 21.94 11.16 36.95
N GLN B 167 21.15 10.94 35.90
CA GLN B 167 21.03 11.89 34.81
C GLN B 167 19.73 11.67 34.02
N PHE B 168 19.44 12.65 33.18
CA PHE B 168 18.25 12.68 32.37
C PHE B 168 18.67 13.20 31.03
N ARG B 169 18.34 12.47 29.96
CA ARG B 169 18.65 12.96 28.60
C ARG B 169 17.46 12.74 27.65
N GLU B 170 17.02 13.84 27.05
CA GLU B 170 15.81 13.87 26.23
C GLU B 170 16.13 13.62 24.76
N LYS B 171 15.31 12.79 24.13
CA LYS B 171 15.31 12.60 22.68
C LYS B 171 16.70 12.40 22.03
N PRO B 172 17.48 11.41 22.51
CA PRO B 172 18.85 11.20 22.02
C PRO B 172 18.94 10.68 20.60
N ASP B 173 20.17 10.59 20.08
CA ASP B 173 20.42 9.92 18.80
C ASP B 173 20.13 8.42 18.94
N LEU B 174 20.11 7.69 17.83
CA LEU B 174 19.75 6.27 17.87
C LEU B 174 20.79 5.41 18.61
N GLU B 175 22.04 5.47 18.15
CA GLU B 175 23.11 4.63 18.74
C GLU B 175 23.32 4.88 20.24
N THR B 176 23.08 6.11 20.69
CA THR B 176 23.11 6.44 22.12
C THR B 176 21.93 5.77 22.84
N ALA B 177 20.73 5.96 22.32
CA ALA B 177 19.55 5.28 22.84
C ALA B 177 19.82 3.78 22.92
N LYS B 178 20.37 3.23 21.84
CA LYS B 178 20.69 1.82 21.75
C LYS B 178 21.62 1.41 22.89
N LYS B 179 22.67 2.18 23.12
CA LYS B 179 23.57 1.97 24.25
C LYS B 179 22.90 2.14 25.62
N PHE B 180 22.01 3.12 25.77
CA PHE B 180 21.25 3.24 27.03
C PHE B 180 20.50 1.96 27.33
N VAL B 181 19.87 1.42 26.29
CA VAL B 181 19.04 0.23 26.42
C VAL B 181 19.90 -1.01 26.66
N GLU B 182 21.01 -1.12 25.93
CA GLU B 182 21.96 -2.19 26.16
C GLU B 182 22.48 -2.13 27.60
N SER B 183 22.66 -0.93 28.12
CA SER B 183 23.17 -0.71 29.48
C SER B 183 22.30 -1.36 30.57
N GLY B 184 20.99 -1.11 30.54
CA GLY B 184 20.08 -1.58 31.60
C GLY B 184 19.87 -0.56 32.71
N ARG B 185 20.74 0.43 32.80
CA ARG B 185 20.68 1.44 33.86
C ARG B 185 19.74 2.59 33.51
N PHE B 186 18.90 2.45 32.48
CA PHE B 186 18.00 3.52 32.06
C PHE B 186 16.53 3.08 31.99
N LEU B 187 15.62 4.02 32.19
CA LEU B 187 14.19 3.84 31.95
C LEU B 187 13.71 4.96 31.06
N TRP B 188 12.64 4.71 30.31
CA TRP B 188 12.00 5.74 29.53
C TRP B 188 11.29 6.67 30.47
N ASN B 189 11.36 7.96 30.16
CA ASN B 189 10.48 8.94 30.77
C ASN B 189 9.07 8.74 30.25
N SER B 190 8.13 8.46 31.14
CA SER B 190 6.72 8.39 30.80
C SER B 190 6.13 9.70 30.29
N GLY B 191 6.69 10.83 30.63
CA GLY B 191 6.03 12.10 30.31
C GLY B 191 5.13 12.64 31.42
N MET B 192 4.94 11.89 32.49
CA MET B 192 4.15 12.38 33.61
C MET B 192 5.13 12.83 34.69
N PHE B 193 4.82 13.92 35.39
CA PHE B 193 5.68 14.39 36.49
C PHE B 193 4.86 14.70 37.73
N LEU B 194 5.52 14.65 38.86
CA LEU B 194 4.91 15.02 40.12
C LEU B 194 5.89 15.87 40.86
N TRP B 195 5.44 17.04 41.27
CA TRP B 195 6.25 17.95 42.10
C TRP B 195 5.34 18.78 42.95
N LYS B 196 5.87 19.32 44.06
CA LYS B 196 5.18 20.35 44.83
C LYS B 196 5.32 21.67 44.09
N ALA B 197 4.28 22.49 44.14
CA ALA B 197 4.22 23.68 43.28
C ALA B 197 5.39 24.64 43.49
N ARG B 198 5.59 25.09 44.73
CA ARG B 198 6.67 26.05 45.04
C ARG B 198 8.02 25.53 44.58
N GLU B 199 8.31 24.26 44.86
CA GLU B 199 9.60 23.70 44.52
C GLU B 199 9.88 23.70 43.02
N PHE B 200 8.88 23.31 42.24
CA PHE B 200 9.03 23.29 40.80
C PHE B 200 9.26 24.69 40.29
N ILE B 201 8.50 25.65 40.82
CA ILE B 201 8.63 27.06 40.42
C ILE B 201 10.03 27.60 40.68
N GLU B 202 10.62 27.22 41.82
CA GLU B 202 11.96 27.66 42.18
C GLU B 202 12.99 26.99 41.26
N GLU B 203 12.74 25.74 40.90
CA GLU B 203 13.65 25.04 39.98
C GLU B 203 13.64 25.66 38.58
N VAL B 204 12.50 26.17 38.13
CA VAL B 204 12.42 26.84 36.82
C VAL B 204 13.15 28.20 36.85
N LYS B 205 13.06 28.91 37.97
CA LYS B 205 13.80 30.16 38.16
C LYS B 205 15.27 29.91 37.90
N VAL B 206 15.79 28.83 38.49
CA VAL B 206 17.18 28.45 38.30
C VAL B 206 17.44 27.86 36.91
N CYS B 207 16.66 26.87 36.54
CA CYS B 207 16.80 26.24 35.25
C CYS B 207 16.46 27.08 34.03
N GLU B 208 15.38 27.83 34.09
CA GLU B 208 15.00 28.58 32.93
C GLU B 208 14.37 29.89 33.27
N PRO B 209 15.21 30.83 33.61
CA PRO B 209 14.74 32.10 34.09
C PRO B 209 13.90 32.72 33.05
N SER B 210 14.33 32.66 31.81
CA SER B 210 13.49 33.26 30.76
C SER B 210 12.00 33.01 30.96
N ILE B 211 11.65 31.79 31.39
CA ILE B 211 10.27 31.41 31.70
C ILE B 211 9.83 32.06 33.00
N TYR B 212 10.55 31.77 34.07
CA TYR B 212 10.24 32.26 35.41
C TYR B 212 10.00 33.76 35.39
N GLU B 213 10.98 34.51 34.90
CA GLU B 213 10.95 35.98 34.98
C GLU B 213 9.72 36.61 34.32
N ASN B 214 9.31 36.05 33.18
CA ASN B 214 8.25 36.64 32.37
C ASN B 214 6.86 36.08 32.64
N LEU B 215 6.78 35.06 33.49
CA LEU B 215 5.49 34.47 33.83
C LEU B 215 5.13 34.53 35.32
N LYS B 216 6.12 34.77 36.18
CA LYS B 216 5.95 34.82 37.66
C LYS B 216 4.80 35.68 38.24
N ASP B 217 4.47 36.82 37.62
CA ASP B 217 3.42 37.70 38.15
C ASP B 217 2.09 37.66 37.37
N VAL B 218 1.91 36.64 36.54
CA VAL B 218 0.83 36.64 35.56
C VAL B 218 -0.44 35.93 36.07
N ASP B 219 -1.61 36.43 35.67
CA ASP B 219 -2.92 35.77 35.94
C ASP B 219 -3.34 34.89 34.73
N PRO B 220 -3.15 33.56 34.84
CA PRO B 220 -3.51 32.58 33.79
C PRO B 220 -4.92 32.63 33.21
N ARG B 221 -5.84 33.39 33.83
CA ARG B 221 -7.21 33.50 33.34
C ARG B 221 -7.43 34.83 32.64
N ASN B 222 -6.52 35.78 32.86
CA ASN B 222 -6.43 37.00 32.05
C ASN B 222 -5.74 36.64 30.74
N PHE B 223 -6.52 36.43 29.68
CA PHE B 223 -5.95 35.99 28.42
C PHE B 223 -5.01 37.02 27.81
N GLU B 224 -5.33 38.30 27.98
CA GLU B 224 -4.53 39.35 27.37
C GLU B 224 -3.15 39.47 28.01
N GLU B 225 -3.09 39.56 29.34
CA GLU B 225 -1.80 39.60 30.02
C GLU B 225 -1.01 38.30 29.79
N LEU B 226 -1.71 37.19 29.61
CA LEU B 226 -1.05 35.92 29.27
C LEU B 226 -0.55 35.88 27.82
N LYS B 227 -1.27 36.55 26.92
CA LYS B 227 -0.83 36.70 25.53
C LYS B 227 0.49 37.44 25.46
N LYS B 228 0.48 38.66 26.01
CA LYS B 228 1.65 39.54 25.99
C LYS B 228 2.84 38.95 26.77
N ALA B 229 2.56 38.18 27.82
CA ALA B 229 3.60 37.50 28.58
C ALA B 229 4.25 36.38 27.76
N TYR B 230 3.42 35.65 27.01
CA TYR B 230 3.90 34.56 26.15
C TYR B 230 4.74 35.06 24.97
N GLU B 231 4.56 36.30 24.54
CA GLU B 231 5.35 36.85 23.44
C GLU B 231 6.86 36.82 23.77
N LYS B 232 7.19 36.98 25.05
CA LYS B 232 8.58 36.98 25.52
C LYS B 232 9.07 35.57 25.85
N VAL B 233 8.17 34.61 25.92
CA VAL B 233 8.53 33.25 26.34
C VAL B 233 8.76 32.31 25.13
N PRO B 234 9.78 31.43 25.22
CA PRO B 234 10.13 30.46 24.16
C PRO B 234 9.29 29.19 24.12
N SER B 235 9.42 28.47 23.01
CA SER B 235 8.82 27.15 22.85
C SER B 235 9.87 26.11 23.29
N ILE B 236 9.60 25.43 24.39
CA ILE B 236 10.56 24.46 24.96
C ILE B 236 9.87 23.51 25.94
N SER B 237 10.28 22.25 25.94
CA SER B 237 9.61 21.26 26.80
C SER B 237 10.15 21.38 28.23
N VAL B 238 9.41 20.84 29.20
CA VAL B 238 9.94 20.77 30.56
C VAL B 238 11.22 19.96 30.61
N ASP B 239 11.26 18.93 29.77
CA ASP B 239 12.36 17.97 29.75
C ASP B 239 13.70 18.68 29.41
N TYR B 240 13.75 19.34 28.26
CA TYR B 240 14.93 20.11 27.86
C TYR B 240 15.14 21.29 28.82
N ALA B 241 14.07 22.05 29.07
CA ALA B 241 14.15 23.28 29.87
C ALA B 241 14.51 23.06 31.35
N VAL B 242 14.10 21.94 31.95
CA VAL B 242 14.35 21.74 33.39
C VAL B 242 14.98 20.39 33.81
N MET B 243 14.41 19.29 33.33
CA MET B 243 14.80 17.93 33.79
C MET B 243 16.26 17.54 33.52
N GLU B 244 16.74 17.79 32.31
CA GLU B 244 18.16 17.60 31.99
C GLU B 244 19.06 18.44 32.89
N LYS B 245 18.57 19.60 33.32
CA LYS B 245 19.37 20.57 34.11
C LYS B 245 19.29 20.34 35.61
N SER B 246 18.08 20.01 36.09
CA SER B 246 17.79 19.91 37.52
C SER B 246 18.54 18.75 38.19
N LYS B 247 19.10 19.04 39.36
CA LYS B 247 19.88 18.08 40.15
C LYS B 247 19.06 17.43 41.29
N LYS B 248 17.75 17.71 41.36
CA LYS B 248 16.86 17.16 42.37
C LYS B 248 15.79 16.27 41.73
N VAL B 249 16.15 15.58 40.66
CA VAL B 249 15.20 14.72 39.97
C VAL B 249 15.16 13.35 40.63
N ARG B 250 13.95 12.81 40.70
CA ARG B 250 13.70 11.50 41.28
C ARG B 250 12.97 10.66 40.24
N VAL B 251 13.07 9.34 40.35
CA VAL B 251 12.24 8.47 39.53
C VAL B 251 11.65 7.30 40.34
N VAL B 252 10.34 7.10 40.16
CA VAL B 252 9.63 5.93 40.64
C VAL B 252 9.39 5.02 39.44
N LYS B 253 9.37 3.72 39.67
CA LYS B 253 9.22 2.77 38.56
C LYS B 253 7.73 2.53 38.32
N ALA B 254 7.24 2.84 37.12
CA ALA B 254 5.83 2.65 36.82
C ALA B 254 5.46 1.17 36.82
N ASP B 255 4.57 0.76 37.71
CA ASP B 255 4.06 -0.61 37.69
C ASP B 255 2.80 -0.82 36.80
N PHE B 256 2.75 -0.19 35.60
CA PHE B 256 1.56 -0.26 34.75
C PHE B 256 1.91 -0.24 33.28
N GLU B 257 1.15 -0.95 32.47
CA GLU B 257 1.41 -0.96 31.02
C GLU B 257 1.11 0.42 30.54
N TRP B 258 1.99 0.95 29.73
CA TRP B 258 1.89 2.32 29.34
C TRP B 258 2.16 2.43 27.88
N SER B 259 1.48 3.34 27.20
CA SER B 259 1.87 3.63 25.84
C SER B 259 1.64 5.07 25.45
N ASP B 260 2.61 5.59 24.73
CA ASP B 260 2.43 6.82 24.06
C ASP B 260 1.84 6.58 22.67
N LEU B 261 0.68 7.17 22.42
CA LEU B 261 0.03 6.99 21.14
C LEU B 261 0.74 7.94 20.18
N GLY B 262 1.90 7.48 19.69
CA GLY B 262 2.86 8.35 19.00
C GLY B 262 2.62 8.47 17.51
N ASN B 263 2.34 7.32 16.89
CA ASN B 263 1.99 7.20 15.48
C ASN B 263 1.21 5.89 15.22
N TRP B 264 1.03 5.49 13.98
CA TRP B 264 0.25 4.28 13.71
C TRP B 264 0.91 3.00 14.15
N SER B 265 2.23 2.94 14.12
CA SER B 265 2.89 1.71 14.57
C SER B 265 2.50 1.50 16.01
N SER B 266 2.52 2.60 16.77
CA SER B 266 2.06 2.56 18.12
C SER B 266 0.76 1.78 18.23
N VAL B 267 -0.26 2.11 17.45
CA VAL B 267 -1.54 1.36 17.58
C VAL B 267 -1.33 -0.14 17.29
N ARG B 268 -0.44 -0.46 16.35
CA ARG B 268 -0.20 -1.85 16.00
C ARG B 268 0.47 -2.56 17.14
N GLU B 269 1.41 -1.90 17.83
CA GLU B 269 2.00 -2.50 19.04
C GLU B 269 0.93 -2.94 20.03
N ILE B 270 -0.16 -2.19 20.12
CA ILE B 270 -1.21 -2.54 21.03
C ILE B 270 -2.06 -3.71 20.49
N GLU B 271 -2.47 -3.60 19.23
CA GLU B 271 -3.47 -4.50 18.68
C GLU B 271 -2.91 -5.73 18.02
N GLY B 272 -1.65 -5.68 17.62
CA GLY B 272 -1.07 -6.75 16.81
C GLY B 272 -1.31 -6.62 15.29
N TYR B 273 -0.41 -7.26 14.55
CA TYR B 273 -0.49 -7.32 13.09
C TYR B 273 -1.83 -7.91 12.67
N THR B 274 -2.29 -7.57 11.48
CA THR B 274 -3.58 -8.08 11.00
C THR B 274 -3.43 -9.44 10.30
N GLU B 275 -4.45 -10.28 10.53
CA GLU B 275 -4.54 -11.64 9.99
C GLU B 275 -5.49 -11.63 8.80
N GLU B 276 -5.40 -12.60 7.91
CA GLU B 276 -6.34 -12.68 6.79
C GLU B 276 -7.77 -12.88 7.23
N SER B 277 -8.68 -12.18 6.57
CA SER B 277 -10.12 -12.32 6.74
C SER B 277 -10.75 -12.20 5.34
N ASP B 278 -12.07 -12.21 5.24
CA ASP B 278 -12.76 -12.00 3.95
C ASP B 278 -12.44 -10.64 3.34
N GLU B 279 -11.99 -9.69 4.14
CA GLU B 279 -11.74 -8.33 3.66
C GLU B 279 -10.27 -7.91 3.70
N VAL B 280 -9.38 -8.81 4.08
CA VAL B 280 -7.95 -8.53 4.09
C VAL B 280 -7.19 -9.71 3.50
N ILE B 281 -6.58 -9.52 2.33
CA ILE B 281 -5.94 -10.61 1.61
C ILE B 281 -4.45 -10.42 1.51
N LEU B 282 -3.69 -11.39 1.97
CA LEU B 282 -2.27 -11.25 2.07
C LEU B 282 -1.60 -12.36 1.28
N VAL B 283 -0.86 -11.94 0.26
CA VAL B 283 -0.03 -12.84 -0.54
C VAL B 283 1.39 -12.35 -0.37
N ASP B 284 2.31 -13.23 0.04
CA ASP B 284 3.71 -12.90 0.29
C ASP B 284 3.86 -11.61 1.09
N SER B 285 3.05 -11.47 2.12
CA SER B 285 3.02 -10.25 2.90
C SER B 285 2.86 -10.63 4.35
N ASP B 286 3.78 -10.14 5.17
CA ASP B 286 3.94 -10.51 6.58
C ASP B 286 3.96 -9.22 7.37
N ARG B 287 3.61 -9.28 8.65
CA ARG B 287 3.70 -8.14 9.57
C ARG B 287 3.08 -6.93 8.96
N VAL B 288 1.77 -7.02 8.75
CA VAL B 288 1.02 -6.08 7.95
C VAL B 288 -0.11 -5.56 8.80
N PHE B 289 -0.29 -4.25 8.87
CA PHE B 289 -1.32 -3.68 9.73
C PHE B 289 -2.36 -2.94 8.89
N VAL B 290 -3.60 -3.43 8.87
CA VAL B 290 -4.57 -2.96 7.90
C VAL B 290 -5.91 -2.68 8.49
N LYS B 291 -6.47 -1.50 8.17
CA LYS B 291 -7.84 -1.15 8.60
C LYS B 291 -8.75 -0.92 7.43
N THR B 292 -9.72 -1.81 7.26
CA THR B 292 -10.61 -1.74 6.13
C THR B 292 -11.75 -0.76 6.43
N HIS B 293 -12.52 -0.45 5.40
CA HIS B 293 -13.76 0.28 5.54
C HIS B 293 -14.80 -0.46 4.69
N ASN B 294 -15.39 0.21 3.73
CA ASN B 294 -16.42 -0.43 2.96
C ASN B 294 -15.97 -1.77 2.31
N LYS B 295 -14.75 -1.80 1.77
CA LYS B 295 -14.34 -2.82 0.80
C LYS B 295 -13.05 -3.52 1.18
N PRO B 296 -12.76 -4.68 0.53
CA PRO B 296 -11.56 -5.47 0.81
C PRO B 296 -10.25 -4.83 0.38
N ILE B 297 -9.16 -5.21 1.04
CA ILE B 297 -7.84 -4.69 0.70
C ILE B 297 -6.93 -5.88 0.51
N ALA B 298 -6.10 -5.83 -0.52
CA ALA B 298 -5.14 -6.91 -0.78
C ALA B 298 -3.73 -6.34 -0.78
N VAL B 299 -2.85 -6.94 0.02
CA VAL B 299 -1.46 -6.53 0.07
C VAL B 299 -0.63 -7.65 -0.49
N VAL B 300 0.10 -7.36 -1.58
CA VAL B 300 0.84 -8.37 -2.30
C VAL B 300 2.29 -7.99 -2.37
N GLY B 301 3.17 -8.87 -1.91
CA GLY B 301 4.59 -8.62 -1.98
C GLY B 301 5.16 -7.58 -1.04
N LEU B 302 4.50 -7.34 0.11
CA LEU B 302 4.93 -6.31 1.04
C LEU B 302 4.85 -6.73 2.48
N SER B 303 5.79 -6.24 3.29
CA SER B 303 5.85 -6.59 4.70
C SER B 303 6.17 -5.34 5.52
N ASP B 304 5.78 -5.33 6.80
CA ASP B 304 6.05 -4.22 7.67
C ASP B 304 5.43 -2.96 7.07
N VAL B 305 4.20 -3.10 6.67
CA VAL B 305 3.46 -2.05 6.03
C VAL B 305 2.17 -1.77 6.76
N ILE B 306 1.75 -0.50 6.74
CA ILE B 306 0.53 -0.08 7.41
C ILE B 306 -0.40 0.47 6.34
N VAL B 307 -1.66 0.01 6.33
CA VAL B 307 -2.66 0.49 5.40
C VAL B 307 -3.91 0.90 6.15
N ILE B 308 -4.36 2.14 5.97
CA ILE B 308 -5.58 2.66 6.64
C ILE B 308 -6.50 3.30 5.61
N ASP B 309 -7.79 2.94 5.62
CA ASP B 309 -8.78 3.37 4.64
C ASP B 309 -10.01 3.95 5.30
N THR B 310 -10.14 5.29 5.33
CA THR B 310 -11.34 5.97 5.84
C THR B 310 -11.99 6.76 4.71
N PRO B 311 -13.10 7.46 4.97
CA PRO B 311 -13.64 8.35 3.95
C PRO B 311 -12.71 9.51 3.60
N ASN B 312 -11.82 9.85 4.54
CA ASN B 312 -10.85 10.91 4.34
C ASN B 312 -9.75 10.52 3.35
N GLY B 313 -9.39 9.24 3.28
CA GLY B 313 -8.32 8.84 2.40
C GLY B 313 -7.72 7.48 2.77
N ILE B 314 -6.67 7.11 2.05
CA ILE B 314 -6.01 5.83 2.21
C ILE B 314 -4.53 6.07 2.46
N LEU B 315 -4.02 5.48 3.54
CA LEU B 315 -2.63 5.63 3.91
C LEU B 315 -1.94 4.32 3.67
N ILE B 316 -0.84 4.34 2.92
CA ILE B 316 -0.04 3.15 2.75
C ILE B 316 1.33 3.56 3.19
N CYS B 317 1.75 3.06 4.34
CA CYS B 317 2.97 3.51 4.99
C CYS B 317 3.85 2.39 5.43
N LYS B 318 5.14 2.47 5.14
CA LYS B 318 6.11 1.54 5.69
C LYS B 318 6.32 1.84 7.20
N GLU B 319 6.44 0.79 8.03
CA GLU B 319 6.48 0.99 9.52
C GLU B 319 7.58 1.97 9.97
N GLU B 320 8.81 1.80 9.50
CA GLU B 320 9.85 2.71 9.99
C GLU B 320 9.61 4.17 9.60
N TYR B 321 8.57 4.44 8.82
CA TYR B 321 8.28 5.80 8.33
C TYR B 321 6.93 6.29 8.86
N ALA B 322 6.36 5.60 9.84
CA ALA B 322 5.10 6.03 10.48
C ALA B 322 5.16 7.46 11.02
N GLN B 323 6.34 7.95 11.40
CA GLN B 323 6.39 9.31 11.91
C GLN B 323 6.24 10.31 10.79
N LYS B 324 6.55 9.91 9.56
CA LYS B 324 6.53 10.84 8.44
C LYS B 324 5.16 11.04 7.82
N VAL B 325 4.13 10.39 8.35
CA VAL B 325 2.75 10.66 7.93
C VAL B 325 2.31 12.11 8.25
N ARG B 326 2.98 12.76 9.17
CA ARG B 326 2.77 14.19 9.38
C ARG B 326 3.08 14.99 8.11
N GLU B 327 4.11 14.56 7.38
CA GLU B 327 4.50 15.20 6.11
C GLU B 327 3.37 15.14 5.06
N VAL B 328 2.64 14.02 5.04
CA VAL B 328 1.42 13.85 4.26
C VAL B 328 0.44 14.98 4.53
N VAL B 329 0.39 15.42 5.78
CA VAL B 329 -0.46 16.57 6.11
C VAL B 329 0.13 17.92 5.62
N LYS B 330 1.44 18.08 5.55
CA LYS B 330 2.02 19.31 4.95
C LYS B 330 1.70 19.40 3.44
N LYS B 331 1.90 18.30 2.73
CA LYS B 331 1.67 18.26 1.28
C LYS B 331 0.18 18.35 0.90
N LEU B 332 -0.69 17.75 1.71
CA LEU B 332 -2.10 17.60 1.32
C LEU B 332 -2.92 18.82 1.63
N PHE B 333 -2.32 19.75 2.38
CA PHE B 333 -3.01 20.96 2.84
C PHE B 333 -2.22 22.24 2.55
N2 GDD C . -10.22 -19.65 -27.21
C2 GDD C . -9.27 -19.68 -26.27
N1 GDD C . -9.27 -20.68 -25.38
N3 GDD C . -8.35 -18.69 -26.22
C4 GDD C . -7.40 -18.71 -25.25
C5 GDD C . -7.40 -19.75 -24.32
C6 GDD C . -8.34 -20.75 -24.40
O6 GDD C . -8.36 -21.78 -23.49
N7 GDD C . -6.36 -19.53 -23.53
C8 GDD C . -5.74 -18.39 -23.89
N9 GDD C . -6.39 -17.89 -24.96
C1' GDD C . -6.06 -16.68 -25.72
C2' GDD C . -5.98 -15.44 -24.84
O2' GDD C . -7.25 -14.81 -24.79
C3' GDD C . -4.94 -14.59 -25.55
O3' GDD C . -5.69 -13.82 -26.49
C4' GDD C . -4.05 -15.58 -26.28
O4' GDD C . -4.76 -16.84 -26.27
C5' GDD C . -2.72 -15.84 -25.63
O5' GDD C . -3.04 -16.25 -24.31
PA GDD C . -2.13 -15.73 -23.08
O1A GDD C . -2.73 -16.62 -22.02
O2A GDD C . -1.90 -14.23 -22.96
O3A GDD C . -0.79 -16.32 -23.65
PB GDD C . 0.57 -15.87 -23.03
O2B GDD C . 0.83 -16.75 -21.86
O3B GDD C . 0.51 -14.37 -22.96
O1B GDD C . 1.67 -16.41 -24.09
C11 GDD C . 1.55 -16.25 -25.52
O51 GDD C . 1.65 -14.90 -25.94
C51 GDD C . 2.87 -14.26 -25.54
C61 GDD C . 2.88 -12.77 -25.87
O6A GDD C . 1.57 -12.27 -26.14
C21 GDD C . 2.66 -17.01 -26.22
O21 GDD C . 2.42 -16.96 -27.61
C31 GDD C . 4.03 -16.43 -25.92
O31 GDD C . 5.01 -17.07 -26.72
C41 GDD C . 4.02 -14.95 -26.24
O41 GDD C . 5.25 -14.39 -25.81
MG MG D . -0.71 -12.85 -23.22
N2 GDD E . -0.87 23.04 26.28
C2 GDD E . 0.20 22.58 25.58
N1 GDD E . 1.02 23.43 24.90
N3 GDD E . 0.43 21.24 25.59
C4 GDD E . 1.47 20.71 24.91
C5 GDD E . 2.33 21.55 24.20
C6 GDD E . 2.08 22.93 24.21
O6 GDD E . 2.89 23.79 23.52
N7 GDD E . 3.27 20.75 23.63
C8 GDD E . 2.99 19.47 23.99
N9 GDD E . 1.87 19.45 24.75
C1' GDD E . 1.23 18.26 25.38
C2' GDD E . 0.70 17.18 24.44
O2' GDD E . -0.70 17.28 24.16
C3' GDD E . 1.00 15.91 25.20
O3' GDD E . -0.11 15.64 26.05
C4' GDD E . 2.20 16.23 26.06
O4' GDD E . 2.22 17.64 26.19
C5' GDD E . 3.51 15.82 25.44
O5' GDD E . 3.41 16.05 24.02
PA GDD E . 4.28 15.10 23.05
O1A GDD E . 4.47 15.92 21.81
O2A GDD E . 3.67 13.70 23.07
O3A GDD E . 5.72 15.14 23.78
PB GDD E . 6.60 13.85 23.50
O2B GDD E . 7.51 14.13 22.33
O3B GDD E . 5.58 12.70 23.57
O1B GDD E . 7.77 13.71 24.64
C11 GDD E . 7.39 13.79 26.04
O51 GDD E . 6.63 12.66 26.49
C51 GDD E . 7.27 11.40 26.21
C61 GDD E . 6.30 10.22 26.42
O6A GDD E . 4.94 10.52 26.01
C21 GDD E . 8.61 13.85 26.93
O21 GDD E . 8.14 14.06 28.28
C31 GDD E . 9.41 12.58 26.78
O31 GDD E . 10.53 12.62 27.68
C41 GDD E . 8.52 11.35 27.06
O41 GDD E . 9.29 10.18 26.80
#